data_7P4C
#
_entry.id   7P4C
#
_cell.length_a   197.000
_cell.length_b   197.000
_cell.length_c   102.156
_cell.angle_alpha   90.000
_cell.angle_beta   90.000
_cell.angle_gamma   120.000
#
_symmetry.space_group_name_H-M   'P 6 2 2'
#
loop_
_entity.id
_entity.type
_entity.pdbx_description
1 polymer 'Oligosaccharide 4-alpha-D-glucosyltransferase'
2 non-polymer 1,2-ETHANEDIOL
3 non-polymer 'OXALATE ION'
4 non-polymer (3aR,4S,5S,6R,7R,7aS)-7-(hydroxymethyl)-2,2-bis(oxidanylidene)-3a,4,5,6,7,7a-hexahydro-3H-benzo[d][1,2,3]oxathiazole-4,5,6-triol
5 non-polymer 'SULFATE ION'
6 water water
#
_entity_poly.entity_id   1
_entity_poly.type   'polypeptide(L)'
_entity_poly.pdbx_seq_one_letter_code
;MNPVKREIHPDAVFYKEHKLRNDGLVITTNQGNIRLQFKSEAAIEVLYRADSKQLPSFALAQPESAIKAQLTETENHLQF
SGGTLTARIQKRPFAISYYRDSELLLAEESGFQVNTDKINFRFYLSPGEKILGGGQRILGMDRRGQRFPLYNRAHYGYSD
HSGQMYFGLPAIMSSKQYILVFDNSASGAMDIGKTESDILQLEAKSGRSAYILVAGNSYPSLIENFTQVTGRQPLPPRWA
LGSFASRFGYRSEAETRATVQKYKTEDFPLDTIVLDLYWFGKDIKGHMGNLDWDKENFPTPLDMMADFKQQGVKTVLITE
PFVLTSSKRWDDAVKAKALAKDPQGQPKAFELYFGNGGIIDVFSKEGSRWFSSIYKDLSKQGVAGWWGDLGEPEMHPEDT
QHAIGDADTVHNAYGHRWAEMLYQQQLDQFPELRPFIMMRAGFVGSQRYGMIPWTGDVSRTWGGLASQVELALQMSLLGF
GYIHSDLGGFADGETLDKEMYIRWLQYGVFQPVYRPHGQDHIPSEPVFQDEETKAILRPLVKLRYRMLPYIYTAAYQNTL
TGMPLMRPLFFSDEKNPALIDNKTSYFWGDSLLVTPITQAGVESVSIPAPKGVWFDFWKDTRYQTDGAPLTLPTDLHTIP
VLVKAGAFMPYVPAVSTTEDYRSDSLEIHYYADASVPLAQGEIFEDDGKDPNSIKRNQFDLLTLQATHTDNQLHFQLART
GKGYRGMPERRATTLVIHNASDQYQHLDINGKTIAIAQADCASTPALACYDQERRQLQLVFTWGREALNLRLHKGGRADP
AFLYKVVINSKLEGKPIPNPLLGLDSTRTGHHHHHH
;
_entity_poly.pdbx_strand_id   AAA
#
loop_
_chem_comp.id
_chem_comp.type
_chem_comp.name
_chem_comp.formula
5OV non-polymer (3aR,4S,5S,6R,7R,7aS)-7-(hydroxymethyl)-2,2-bis(oxidanylidene)-3a,4,5,6,7,7a-hexahydro-3H-benzo[d][1,2,3]oxathiazole-4,5,6-triol 'C7 H13 N O7 S'
EDO non-polymer 1,2-ETHANEDIOL 'C2 H6 O2'
OXL non-polymer 'OXALATE ION' 'C2 O4 -2'
SO4 non-polymer 'SULFATE ION' 'O4 S -2'
#
# COMPACT_ATOMS: atom_id res chain seq x y z
N ALA A 12 -8.77 -16.01 37.95
CA ALA A 12 -9.88 -17.03 38.10
C ALA A 12 -11.19 -16.45 37.53
N VAL A 13 -11.65 -16.98 36.38
CA VAL A 13 -12.77 -16.40 35.56
C VAL A 13 -13.69 -17.53 35.10
N PHE A 14 -15.01 -17.31 35.07
CA PHE A 14 -16.01 -18.36 34.71
C PHE A 14 -17.27 -17.71 34.11
N TYR A 15 -17.82 -18.39 33.10
CA TYR A 15 -19.16 -18.17 32.47
C TYR A 15 -20.22 -17.97 33.56
N LYS A 16 -21.18 -17.03 33.41
CA LYS A 16 -22.38 -16.96 34.30
C LYS A 16 -23.67 -17.12 33.48
N GLU A 17 -23.97 -16.28 32.50
CA GLU A 17 -25.09 -16.52 31.51
C GLU A 17 -24.82 -15.78 30.18
N HIS A 18 -25.82 -15.74 29.29
CA HIS A 18 -25.74 -15.04 27.97
C HIS A 18 -27.14 -14.68 27.42
N LYS A 19 -27.24 -13.55 26.73
CA LYS A 19 -28.40 -13.17 25.88
C LYS A 19 -27.97 -13.13 24.42
N LEU A 20 -28.93 -12.97 23.50
CA LEU A 20 -28.73 -12.57 22.08
C LEU A 20 -29.48 -11.25 21.83
N ARG A 21 -28.78 -10.18 21.45
CA ARG A 21 -29.39 -8.86 21.17
C ARG A 21 -28.83 -8.31 19.85
N ASN A 22 -29.68 -8.21 18.82
CA ASN A 22 -29.31 -7.73 17.45
C ASN A 22 -28.17 -8.58 16.89
N ASP A 23 -28.32 -9.90 16.91
CA ASP A 23 -27.38 -10.89 16.34
C ASP A 23 -26.07 -10.90 17.14
N GLY A 24 -25.97 -10.08 18.20
CA GLY A 24 -24.79 -10.01 19.10
C GLY A 24 -24.97 -10.85 20.37
N LEU A 25 -24.00 -11.72 20.66
CA LEU A 25 -23.93 -12.53 21.91
C LEU A 25 -23.38 -11.66 23.04
N VAL A 26 -24.15 -11.50 24.14
CA VAL A 26 -23.70 -10.81 25.38
C VAL A 26 -23.53 -11.85 26.47
N ILE A 27 -22.28 -12.15 26.82
CA ILE A 27 -21.88 -13.15 27.84
C ILE A 27 -21.61 -12.36 29.13
N THR A 28 -22.12 -12.84 30.28
CA THR A 28 -21.73 -12.37 31.64
C THR A 28 -20.80 -13.40 32.30
N THR A 29 -19.60 -12.97 32.69
CA THR A 29 -18.71 -13.74 33.60
C THR A 29 -18.85 -13.16 35.02
N ASN A 30 -18.05 -13.67 35.95
CA ASN A 30 -17.81 -13.10 37.31
C ASN A 30 -17.25 -11.67 37.22
N GLN A 31 -16.46 -11.34 36.18
CA GLN A 31 -15.70 -10.06 36.09
C GLN A 31 -16.52 -8.99 35.35
N GLY A 32 -17.39 -9.37 34.41
CA GLY A 32 -18.31 -8.44 33.73
C GLY A 32 -18.83 -9.02 32.41
N ASN A 33 -19.10 -8.12 31.46
CA ASN A 33 -19.77 -8.44 30.17
C ASN A 33 -18.74 -8.51 29.02
N ILE A 34 -18.98 -9.42 28.09
CA ILE A 34 -18.25 -9.60 26.80
C ILE A 34 -19.29 -9.58 25.66
N ARG A 35 -19.16 -8.65 24.69
CA ARG A 35 -20.03 -8.56 23.48
C ARG A 35 -19.32 -9.16 22.26
N LEU A 36 -19.89 -10.22 21.70
CA LEU A 36 -19.38 -10.89 20.49
C LEU A 36 -20.31 -10.55 19.32
N GLN A 37 -19.74 -9.96 18.26
CA GLN A 37 -20.47 -9.62 17.01
C GLN A 37 -19.64 -10.03 15.80
N PHE A 38 -20.27 -10.80 14.91
CA PHE A 38 -19.69 -11.16 13.60
C PHE A 38 -19.84 -9.91 12.74
N LYS A 39 -18.73 -9.40 12.21
CA LYS A 39 -18.73 -8.22 11.30
C LYS A 39 -18.91 -8.72 9.87
N SER A 40 -18.61 -10.00 9.68
CA SER A 40 -18.79 -10.80 8.46
C SER A 40 -18.82 -12.27 8.88
N GLU A 41 -18.88 -13.19 7.92
CA GLU A 41 -18.92 -14.64 8.18
C GLU A 41 -17.54 -15.17 8.58
N ALA A 42 -16.47 -14.37 8.47
CA ALA A 42 -15.07 -14.79 8.74
C ALA A 42 -14.36 -13.82 9.70
N ALA A 43 -15.10 -12.88 10.27
CA ALA A 43 -14.55 -11.82 11.14
C ALA A 43 -15.47 -11.61 12.35
N ILE A 44 -14.88 -11.60 13.55
CA ILE A 44 -15.62 -11.37 14.82
C ILE A 44 -14.92 -10.28 15.65
N GLU A 45 -15.72 -9.35 16.17
CA GLU A 45 -15.34 -8.39 17.23
C GLU A 45 -15.71 -8.96 18.60
N VAL A 46 -14.71 -9.12 19.46
CA VAL A 46 -14.81 -9.52 20.90
C VAL A 46 -14.54 -8.27 21.77
N LEU A 47 -15.59 -7.58 22.22
CA LEU A 47 -15.52 -6.46 23.18
C LEU A 47 -15.66 -7.01 24.63
N TYR A 48 -14.57 -7.01 25.42
CA TYR A 48 -14.58 -7.18 26.90
C TYR A 48 -15.00 -5.82 27.52
N ARG A 49 -15.42 -5.84 28.79
CA ARG A 49 -15.97 -4.66 29.54
C ARG A 49 -17.08 -3.97 28.73
N ALA A 50 -17.88 -4.73 27.99
CA ALA A 50 -18.94 -4.22 27.08
C ALA A 50 -19.93 -3.31 27.83
N ASP A 51 -20.13 -3.55 29.12
CA ASP A 51 -21.07 -2.81 30.02
C ASP A 51 -20.71 -1.31 30.01
N SER A 52 -19.41 -0.97 29.93
CA SER A 52 -18.83 0.37 30.24
C SER A 52 -18.65 1.24 28.99
N LYS A 53 -18.60 2.56 29.18
CA LYS A 53 -18.29 3.58 28.12
C LYS A 53 -16.80 3.52 27.79
N GLN A 54 -16.47 3.21 26.53
CA GLN A 54 -15.09 3.10 25.99
C GLN A 54 -14.95 4.00 24.75
N LEU A 55 -13.72 4.16 24.26
CA LEU A 55 -13.49 4.75 22.91
C LEU A 55 -14.15 3.83 21.90
N PRO A 56 -14.67 4.38 20.79
CA PRO A 56 -15.24 3.54 19.73
C PRO A 56 -14.17 2.74 18.97
N SER A 57 -14.62 1.75 18.20
CA SER A 57 -13.74 1.05 17.24
C SER A 57 -13.10 2.10 16.33
N PHE A 58 -11.82 1.92 16.00
CA PHE A 58 -11.15 2.66 14.91
C PHE A 58 -10.92 1.70 13.73
N ALA A 59 -10.69 0.42 13.99
CA ALA A 59 -10.27 -0.56 12.95
C ALA A 59 -11.42 -0.89 12.00
N LEU A 60 -12.67 -0.86 12.46
CA LEU A 60 -13.84 -1.38 11.69
C LEU A 60 -14.40 -0.25 10.81
N ALA A 61 -14.62 -0.56 9.54
CA ALA A 61 -15.29 0.32 8.56
C ALA A 61 -16.77 0.49 8.94
N GLN A 62 -17.41 -0.56 9.45
CA GLN A 62 -18.81 -0.50 9.95
C GLN A 62 -18.87 -1.02 11.39
N PRO A 63 -18.51 -0.15 12.36
CA PRO A 63 -18.53 -0.50 13.79
C PRO A 63 -19.80 -1.18 14.30
N GLU A 64 -20.97 -0.71 13.85
CA GLU A 64 -22.30 -1.08 14.42
C GLU A 64 -22.94 -2.21 13.61
N SER A 65 -22.16 -2.97 12.85
CA SER A 65 -22.65 -4.11 12.02
C SER A 65 -22.48 -5.39 12.83
N ALA A 66 -23.45 -6.29 12.68
CA ALA A 66 -23.46 -7.66 13.25
C ALA A 66 -24.40 -8.50 12.39
N ILE A 67 -23.86 -9.53 11.74
CA ILE A 67 -24.62 -10.42 10.82
C ILE A 67 -25.17 -11.60 11.62
N LYS A 68 -26.26 -12.21 11.16
CA LYS A 68 -26.88 -13.41 11.79
C LYS A 68 -25.81 -14.49 11.95
N ALA A 69 -25.54 -14.90 13.19
CA ALA A 69 -24.74 -16.11 13.52
C ALA A 69 -25.67 -17.15 14.16
N GLN A 70 -25.21 -18.39 14.23
CA GLN A 70 -25.93 -19.48 14.92
C GLN A 70 -25.25 -19.68 16.28
N LEU A 71 -26.05 -19.91 17.33
CA LEU A 71 -25.60 -20.20 18.72
C LEU A 71 -26.09 -21.59 19.15
N THR A 72 -25.18 -22.49 19.52
CA THR A 72 -25.50 -23.80 20.15
C THR A 72 -24.76 -23.90 21.50
N GLU A 73 -25.38 -24.53 22.50
CA GLU A 73 -24.95 -24.55 23.94
C GLU A 73 -24.73 -26.01 24.39
N THR A 74 -23.54 -26.35 24.91
CA THR A 74 -23.24 -27.67 25.55
C THR A 74 -23.05 -27.46 27.05
N GLU A 75 -22.47 -28.46 27.73
CA GLU A 75 -22.33 -28.53 29.21
C GLU A 75 -21.17 -27.64 29.65
N ASN A 76 -20.05 -27.65 28.91
CA ASN A 76 -18.80 -26.94 29.28
C ASN A 76 -18.51 -25.80 28.29
N HIS A 77 -19.32 -25.69 27.23
CA HIS A 77 -18.99 -24.70 26.20
C HIS A 77 -20.16 -24.18 25.36
N LEU A 78 -20.10 -22.93 24.92
CA LEU A 78 -20.96 -22.39 23.84
C LEU A 78 -20.22 -22.50 22.49
N GLN A 79 -20.97 -22.42 21.39
CA GLN A 79 -20.44 -22.27 20.00
C GLN A 79 -21.20 -21.12 19.33
N PHE A 80 -20.47 -20.11 18.88
CA PHE A 80 -20.96 -18.95 18.12
C PHE A 80 -20.25 -18.93 16.76
N SER A 81 -20.99 -19.25 15.68
CA SER A 81 -20.45 -19.42 14.32
C SER A 81 -21.11 -18.45 13.32
N GLY A 82 -20.27 -17.95 12.41
CA GLY A 82 -20.66 -17.02 11.34
C GLY A 82 -20.83 -17.73 9.99
N GLY A 83 -20.16 -18.87 9.78
CA GLY A 83 -20.19 -19.57 8.49
C GLY A 83 -18.81 -20.06 8.08
N THR A 84 -17.78 -19.26 8.30
CA THR A 84 -16.35 -19.66 8.16
C THR A 84 -15.75 -19.76 9.56
N LEU A 85 -15.95 -18.70 10.35
CA LEU A 85 -15.32 -18.49 11.67
C LEU A 85 -16.27 -18.93 12.78
N THR A 86 -15.72 -19.75 13.69
CA THR A 86 -16.36 -20.31 14.90
C THR A 86 -15.59 -19.89 16.16
N ALA A 87 -16.29 -19.16 17.03
CA ALA A 87 -15.89 -18.84 18.42
C ALA A 87 -16.36 -19.95 19.36
N ARG A 88 -15.43 -20.71 19.96
CA ARG A 88 -15.73 -21.75 20.98
C ARG A 88 -15.42 -21.17 22.35
N ILE A 89 -16.48 -20.93 23.14
CA ILE A 89 -16.49 -20.32 24.51
C ILE A 89 -16.48 -21.43 25.58
N GLN A 90 -15.32 -21.84 26.10
CA GLN A 90 -15.17 -22.75 27.27
C GLN A 90 -15.68 -22.02 28.51
N LYS A 91 -16.63 -22.60 29.26
CA LYS A 91 -17.32 -21.90 30.39
C LYS A 91 -16.37 -21.76 31.59
N ARG A 92 -15.68 -22.85 31.98
CA ARG A 92 -14.87 -22.95 33.24
C ARG A 92 -13.61 -23.77 33.00
N PRO A 93 -12.38 -23.22 33.21
CA PRO A 93 -12.17 -21.77 33.34
C PRO A 93 -12.56 -21.06 32.01
N PHE A 94 -12.95 -19.78 32.09
CA PHE A 94 -13.40 -18.99 30.92
C PHE A 94 -12.23 -18.77 29.95
N ALA A 95 -12.42 -19.17 28.69
CA ALA A 95 -11.44 -19.11 27.58
C ALA A 95 -12.19 -19.18 26.24
N ILE A 96 -11.93 -18.25 25.34
CA ILE A 96 -12.47 -18.32 23.95
C ILE A 96 -11.34 -18.83 23.05
N SER A 97 -11.68 -19.79 22.20
CA SER A 97 -10.79 -20.18 21.07
C SER A 97 -11.54 -19.97 19.76
N TYR A 98 -10.81 -20.06 18.64
CA TYR A 98 -11.30 -19.68 17.30
C TYR A 98 -10.90 -20.76 16.29
N TYR A 99 -11.93 -21.23 15.57
CA TYR A 99 -11.88 -22.32 14.56
C TYR A 99 -12.36 -21.82 13.20
N ARG A 100 -11.58 -22.09 12.17
CA ARG A 100 -12.02 -22.10 10.75
C ARG A 100 -12.50 -23.53 10.48
N ASP A 101 -13.82 -23.72 10.45
CA ASP A 101 -14.51 -25.04 10.45
C ASP A 101 -14.22 -25.76 11.78
N SER A 102 -13.28 -26.71 11.77
CA SER A 102 -12.82 -27.48 12.95
C SER A 102 -11.31 -27.32 13.16
N GLU A 103 -10.64 -26.46 12.39
CA GLU A 103 -9.18 -26.21 12.56
C GLU A 103 -8.98 -25.08 13.58
N LEU A 104 -8.24 -25.35 14.67
CA LEU A 104 -7.98 -24.37 15.75
C LEU A 104 -7.01 -23.32 15.22
N LEU A 105 -7.45 -22.07 15.20
CA LEU A 105 -6.62 -20.91 14.78
C LEU A 105 -5.85 -20.41 16.02
N LEU A 106 -6.64 -19.95 16.99
CA LEU A 106 -6.18 -19.12 18.12
C LEU A 106 -7.04 -19.41 19.36
N ALA A 107 -6.39 -19.71 20.49
CA ALA A 107 -7.03 -19.89 21.83
C ALA A 107 -6.42 -18.88 22.82
N GLU A 108 -7.29 -18.06 23.41
CA GLU A 108 -7.03 -17.41 24.73
C GLU A 108 -6.29 -18.37 25.70
N GLU A 109 -5.32 -17.82 26.44
CA GLU A 109 -4.79 -18.42 27.69
C GLU A 109 -5.69 -17.86 28.80
N SER A 110 -5.20 -16.92 29.59
CA SER A 110 -6.00 -16.19 30.62
C SER A 110 -6.95 -15.19 29.94
N GLY A 111 -6.77 -14.95 28.64
CA GLY A 111 -7.57 -13.97 27.88
C GLY A 111 -7.32 -12.55 28.38
N PHE A 112 -8.39 -11.86 28.81
CA PHE A 112 -8.42 -10.46 29.31
C PHE A 112 -8.06 -10.35 30.81
N GLN A 113 -7.29 -9.33 31.25
CA GLN A 113 -6.99 -9.05 32.69
C GLN A 113 -6.90 -7.54 32.99
N VAL A 114 -7.09 -7.16 34.28
CA VAL A 114 -7.24 -5.79 34.90
C VAL A 114 -8.17 -4.92 34.03
N LYS A 118 -4.83 -0.81 33.66
CA LYS A 118 -4.10 -1.29 32.45
C LYS A 118 -4.84 -2.47 31.83
N ILE A 119 -4.77 -2.58 30.51
CA ILE A 119 -5.52 -3.57 29.68
C ILE A 119 -4.52 -4.64 29.22
N ASN A 120 -4.94 -5.90 29.27
CA ASN A 120 -4.05 -7.04 28.96
C ASN A 120 -4.89 -8.13 28.27
N PHE A 121 -4.37 -8.71 27.16
CA PHE A 121 -4.94 -9.89 26.48
C PHE A 121 -3.83 -10.94 26.32
N ARG A 122 -4.15 -12.21 26.63
CA ARG A 122 -3.16 -13.31 26.59
C ARG A 122 -3.77 -14.48 25.79
N PHE A 123 -2.99 -15.05 24.88
CA PHE A 123 -3.38 -16.17 23.98
C PHE A 123 -2.20 -17.13 23.87
N TYR A 124 -2.50 -18.40 23.61
CA TYR A 124 -1.47 -19.44 23.32
C TYR A 124 -0.96 -19.23 21.89
N LEU A 125 0.33 -19.48 21.69
CA LEU A 125 0.90 -19.69 20.33
C LEU A 125 1.12 -21.20 20.16
N SER A 126 0.78 -21.74 18.99
CA SER A 126 0.99 -23.17 18.64
C SER A 126 2.48 -23.34 18.41
N PRO A 127 3.05 -24.55 18.59
CA PRO A 127 4.47 -24.74 18.31
C PRO A 127 4.67 -24.58 16.79
N GLY A 128 5.73 -23.87 16.38
CA GLY A 128 6.09 -23.71 14.96
C GLY A 128 5.27 -22.63 14.25
N GLU A 129 4.15 -22.17 14.83
CA GLU A 129 3.38 -21.00 14.34
C GLU A 129 4.34 -19.82 14.11
N LYS A 130 4.33 -19.24 12.90
CA LYS A 130 5.10 -18.04 12.48
C LYS A 130 4.14 -16.83 12.52
N ILE A 131 4.62 -15.67 12.96
CA ILE A 131 3.75 -14.49 13.25
C ILE A 131 4.37 -13.26 12.57
N LEU A 132 3.79 -12.84 11.43
CA LEU A 132 3.98 -11.50 10.82
C LEU A 132 3.16 -10.50 11.63
N GLY A 133 3.57 -9.24 11.63
CA GLY A 133 2.73 -8.16 12.17
C GLY A 133 3.52 -7.05 12.85
N GLY A 134 2.78 -6.13 13.47
CA GLY A 134 3.33 -4.98 14.23
C GLY A 134 3.53 -3.78 13.35
N GLY A 135 3.26 -3.92 12.04
CA GLY A 135 3.48 -2.81 11.09
C GLY A 135 4.95 -2.59 10.92
N GLN A 136 5.38 -1.34 10.89
CA GLN A 136 6.80 -1.03 10.64
C GLN A 136 7.67 -1.42 11.85
N ARG A 137 8.48 -2.45 11.63
CA ARG A 137 9.65 -2.90 12.44
C ARG A 137 10.68 -3.46 11.46
N ILE A 138 11.95 -3.39 11.81
CA ILE A 138 12.99 -4.15 11.09
C ILE A 138 13.53 -5.21 12.06
N LEU A 139 12.83 -6.34 12.13
CA LEU A 139 13.09 -7.45 13.09
C LEU A 139 13.18 -8.80 12.40
N GLY A 140 12.81 -8.90 11.12
CA GLY A 140 12.59 -10.16 10.41
C GLY A 140 11.11 -10.40 10.21
N MET A 141 10.75 -11.10 9.13
CA MET A 141 9.34 -11.19 8.70
C MET A 141 8.49 -11.86 9.78
N ASP A 142 9.02 -12.95 10.37
CA ASP A 142 8.40 -13.67 11.53
C ASP A 142 8.77 -12.93 12.82
N ARG A 143 7.86 -12.17 13.40
CA ARG A 143 8.16 -11.32 14.58
C ARG A 143 8.01 -12.14 15.87
N ARG A 144 7.81 -13.45 15.77
CA ARG A 144 7.74 -14.36 16.95
C ARG A 144 9.09 -14.32 17.68
N GLY A 145 9.04 -14.24 19.00
CA GLY A 145 10.27 -14.07 19.81
C GLY A 145 10.63 -12.61 19.99
N GLN A 146 9.76 -11.69 19.55
CA GLN A 146 9.95 -10.23 19.73
C GLN A 146 8.83 -9.66 20.62
N ARG A 147 9.19 -8.59 21.32
CA ARG A 147 8.28 -7.75 22.15
C ARG A 147 8.59 -6.32 21.76
N PHE A 148 7.58 -5.47 21.59
CA PHE A 148 7.82 -4.08 21.14
C PHE A 148 6.62 -3.22 21.52
N PRO A 149 6.82 -1.89 21.67
CA PRO A 149 5.71 -1.00 21.98
C PRO A 149 4.77 -0.80 20.78
N LEU A 150 3.52 -0.52 21.12
CA LEU A 150 2.48 0.09 20.26
C LEU A 150 2.43 1.57 20.60
N TYR A 151 3.36 2.34 20.06
CA TYR A 151 3.42 3.80 20.26
C TYR A 151 4.11 4.42 19.05
N ASN A 152 3.31 4.92 18.10
CA ASN A 152 3.84 5.54 16.86
C ASN A 152 4.89 6.58 17.27
N ARG A 153 6.06 6.49 16.67
CA ARG A 153 7.17 7.38 17.04
C ARG A 153 8.20 7.42 15.91
N ALA A 154 8.82 8.57 15.71
CA ALA A 154 9.92 8.74 14.73
C ALA A 154 11.07 7.76 15.03
N HIS A 155 11.71 7.25 13.99
CA HIS A 155 13.04 6.60 14.08
C HIS A 155 13.93 7.19 12.99
N TYR A 156 14.33 8.45 13.18
CA TYR A 156 15.20 9.17 12.23
C TYR A 156 16.46 8.35 11.90
N GLY A 157 16.76 8.18 10.62
CA GLY A 157 18.08 7.69 10.18
C GLY A 157 18.21 6.19 10.41
N TYR A 158 17.10 5.46 10.56
CA TYR A 158 17.13 3.99 10.73
C TYR A 158 17.79 3.37 9.50
N SER A 159 18.25 2.13 9.69
N SER A 159 18.28 2.13 9.67
CA SER A 159 19.03 1.35 8.68
CA SER A 159 18.92 1.33 8.61
C SER A 159 18.52 -0.08 8.69
C SER A 159 18.44 -0.11 8.73
N ASP A 160 19.15 -0.94 9.50
CA ASP A 160 18.97 -2.43 9.42
C ASP A 160 18.24 -2.96 10.65
N HIS A 161 17.77 -2.10 11.54
CA HIS A 161 17.09 -2.55 12.78
C HIS A 161 16.16 -1.48 13.33
N SER A 162 14.99 -1.89 13.78
CA SER A 162 14.05 -1.01 14.51
C SER A 162 12.98 -1.85 15.19
N GLY A 163 12.76 -1.58 16.50
CA GLY A 163 11.61 -2.13 17.25
C GLY A 163 10.42 -1.18 17.30
N GLN A 164 10.57 0.04 16.78
CA GLN A 164 9.54 1.09 17.02
C GLN A 164 9.75 2.20 16.00
N MET A 165 8.75 2.46 15.13
CA MET A 165 8.87 3.46 14.04
C MET A 165 7.58 4.25 13.91
N TYR A 166 7.49 5.01 12.83
CA TYR A 166 6.37 5.91 12.47
C TYR A 166 5.01 5.22 12.56
N PHE A 167 4.89 4.02 12.00
CA PHE A 167 3.55 3.44 11.73
C PHE A 167 3.57 1.99 12.18
N GLY A 168 3.23 1.82 13.46
CA GLY A 168 2.91 0.51 14.03
C GLY A 168 1.47 0.18 13.74
N LEU A 169 1.17 -1.11 13.73
CA LEU A 169 -0.21 -1.61 13.67
C LEU A 169 -0.39 -2.58 14.82
N PRO A 170 -1.47 -2.43 15.59
CA PRO A 170 -1.79 -3.39 16.65
C PRO A 170 -2.41 -4.65 16.04
N ALA A 171 -1.67 -5.35 15.17
CA ALA A 171 -2.22 -6.50 14.42
C ALA A 171 -1.14 -7.49 14.04
N ILE A 172 -1.56 -8.74 13.90
CA ILE A 172 -0.65 -9.80 13.42
C ILE A 172 -1.34 -10.64 12.34
N MET A 173 -0.52 -11.34 11.56
CA MET A 173 -1.01 -12.34 10.59
C MET A 173 -0.26 -13.61 10.93
N SER A 174 -0.99 -14.71 11.12
CA SER A 174 -0.40 -16.02 11.47
C SER A 174 -0.29 -16.94 10.24
N SER A 175 0.73 -17.80 10.22
CA SER A 175 0.90 -18.96 9.31
C SER A 175 -0.32 -19.88 9.41
N LYS A 176 -1.17 -19.71 10.42
CA LYS A 176 -2.44 -20.43 10.59
C LYS A 176 -3.53 -19.79 9.73
N GLN A 177 -3.23 -18.64 9.12
CA GLN A 177 -4.13 -17.88 8.22
C GLN A 177 -5.30 -17.29 9.01
N TYR A 178 -4.97 -16.56 10.06
CA TYR A 178 -5.86 -15.59 10.73
C TYR A 178 -5.12 -14.25 10.83
N ILE A 179 -5.89 -13.20 10.98
CA ILE A 179 -5.37 -11.87 11.38
C ILE A 179 -6.07 -11.55 12.70
N LEU A 180 -5.30 -11.07 13.68
CA LEU A 180 -5.80 -10.59 14.99
C LEU A 180 -5.53 -9.10 15.10
N VAL A 181 -6.58 -8.32 15.38
CA VAL A 181 -6.46 -6.85 15.58
C VAL A 181 -6.76 -6.51 17.04
N PHE A 182 -5.84 -5.83 17.69
CA PHE A 182 -6.04 -5.14 18.99
C PHE A 182 -6.65 -3.76 18.70
N ASP A 183 -7.97 -3.66 18.84
CA ASP A 183 -8.73 -2.48 18.36
C ASP A 183 -8.65 -1.38 19.40
N ASN A 184 -7.44 -0.90 19.63
CA ASN A 184 -7.10 -0.01 20.76
C ASN A 184 -6.06 0.98 20.27
N SER A 185 -6.27 2.25 20.60
CA SER A 185 -5.53 3.42 20.08
C SER A 185 -4.41 3.87 21.03
N ALA A 186 -4.26 3.25 22.20
CA ALA A 186 -3.45 3.82 23.31
C ALA A 186 -2.02 3.31 23.21
N SER A 187 -1.12 4.07 23.83
CA SER A 187 0.23 3.58 24.22
C SER A 187 0.13 2.17 24.81
N GLY A 188 0.89 1.22 24.26
CA GLY A 188 0.70 -0.21 24.52
C GLY A 188 1.93 -1.02 24.18
N ALA A 189 1.77 -2.33 24.09
CA ALA A 189 2.89 -3.21 23.71
C ALA A 189 2.35 -4.52 23.18
N MET A 190 3.18 -5.22 22.44
CA MET A 190 2.90 -6.56 21.88
C MET A 190 4.06 -7.45 22.34
N ASP A 191 3.74 -8.58 22.97
CA ASP A 191 4.73 -9.62 23.34
C ASP A 191 4.37 -10.87 22.53
N ILE A 192 5.19 -11.19 21.54
CA ILE A 192 4.91 -12.32 20.58
C ILE A 192 5.74 -13.53 21.02
N GLY A 193 5.32 -14.15 22.14
CA GLY A 193 6.02 -15.29 22.76
C GLY A 193 7.50 -15.00 22.94
N LYS A 194 7.83 -13.78 23.37
CA LYS A 194 9.20 -13.41 23.79
C LYS A 194 9.40 -13.79 25.28
N THR A 195 8.58 -13.18 26.14
CA THR A 195 8.60 -13.32 27.63
C THR A 195 8.33 -14.79 27.95
N GLU A 196 7.22 -15.30 27.43
CA GLU A 196 6.78 -16.71 27.58
C GLU A 196 6.64 -17.34 26.19
N SER A 197 7.50 -18.29 25.86
CA SER A 197 7.72 -18.81 24.48
C SER A 197 6.38 -19.19 23.81
N ASP A 198 5.36 -19.57 24.58
CA ASP A 198 4.05 -19.99 24.03
C ASP A 198 2.94 -18.98 24.38
N ILE A 199 3.26 -17.73 24.69
CA ILE A 199 2.19 -16.71 24.94
C ILE A 199 2.38 -15.51 23.99
N LEU A 200 1.26 -15.09 23.40
CA LEU A 200 1.10 -13.78 22.75
C LEU A 200 0.31 -12.91 23.71
N GLN A 201 0.86 -11.72 24.03
CA GLN A 201 0.24 -10.78 24.98
C GLN A 201 0.12 -9.40 24.34
N LEU A 202 -1.08 -8.82 24.40
CA LEU A 202 -1.38 -7.42 23.99
C LEU A 202 -1.67 -6.58 25.23
N GLU A 203 -0.96 -5.46 25.42
CA GLU A 203 -1.20 -4.52 26.55
C GLU A 203 -1.46 -3.12 26.00
N ALA A 204 -2.25 -2.35 26.72
CA ALA A 204 -2.41 -0.87 26.60
C ALA A 204 -2.56 -0.25 27.99
N LYS A 205 -2.12 1.00 28.13
CA LYS A 205 -2.28 1.86 29.31
C LYS A 205 -3.74 2.20 29.54
N SER A 206 -4.56 2.14 28.50
CA SER A 206 -5.98 2.56 28.52
C SER A 206 -6.60 2.26 27.15
N GLY A 207 -7.72 2.90 26.83
CA GLY A 207 -8.43 2.75 25.55
C GLY A 207 -9.36 1.56 25.57
N ARG A 208 -9.69 1.02 24.40
CA ARG A 208 -10.82 0.07 24.21
C ARG A 208 -10.29 -1.34 24.47
N SER A 209 -11.07 -2.16 25.19
CA SER A 209 -10.77 -3.58 25.51
C SER A 209 -11.48 -4.48 24.49
N ALA A 210 -10.93 -4.59 23.28
CA ALA A 210 -11.57 -5.24 22.11
C ALA A 210 -10.50 -5.84 21.21
N TYR A 211 -10.76 -7.01 20.67
CA TYR A 211 -9.92 -7.58 19.60
C TYR A 211 -10.85 -8.07 18.50
N ILE A 212 -10.27 -8.28 17.31
CA ILE A 212 -10.97 -8.71 16.08
C ILE A 212 -10.17 -9.88 15.52
N LEU A 213 -10.82 -11.02 15.32
CA LEU A 213 -10.21 -12.21 14.67
C LEU A 213 -10.83 -12.30 13.27
N VAL A 214 -9.99 -12.56 12.26
CA VAL A 214 -10.38 -12.73 10.83
C VAL A 214 -9.71 -14.00 10.35
N ALA A 215 -10.48 -14.91 9.73
CA ALA A 215 -9.97 -16.17 9.14
C ALA A 215 -10.03 -16.11 7.61
N GLY A 216 -9.20 -16.91 6.95
CA GLY A 216 -9.24 -17.16 5.50
C GLY A 216 -8.75 -18.55 5.15
N ASN A 217 -9.13 -19.05 3.96
CA ASN A 217 -8.75 -20.38 3.42
C ASN A 217 -7.38 -20.26 2.75
N SER A 218 -6.89 -19.04 2.57
CA SER A 218 -5.64 -18.71 1.84
C SER A 218 -5.22 -17.29 2.25
N TYR A 219 -3.99 -16.89 1.95
CA TYR A 219 -3.55 -15.53 2.35
C TYR A 219 -4.38 -14.49 1.58
N PRO A 220 -4.68 -14.69 0.26
CA PRO A 220 -5.47 -13.70 -0.46
C PRO A 220 -6.89 -13.57 0.11
N SER A 221 -7.56 -14.68 0.41
CA SER A 221 -8.95 -14.59 0.94
C SER A 221 -8.89 -14.04 2.38
N LEU A 222 -7.81 -14.32 3.13
CA LEU A 222 -7.66 -13.72 4.50
C LEU A 222 -7.64 -12.20 4.37
N ILE A 223 -6.79 -11.69 3.48
CA ILE A 223 -6.67 -10.22 3.24
C ILE A 223 -7.97 -9.64 2.69
N GLU A 224 -8.70 -10.35 1.81
CA GLU A 224 -10.02 -9.89 1.29
C GLU A 224 -10.99 -9.76 2.47
N ASN A 225 -11.00 -10.76 3.34
CA ASN A 225 -11.86 -10.80 4.55
C ASN A 225 -11.50 -9.63 5.47
N PHE A 226 -10.21 -9.43 5.69
CA PHE A 226 -9.71 -8.35 6.58
C PHE A 226 -10.13 -6.99 6.01
N THR A 227 -9.87 -6.73 4.73
CA THR A 227 -10.20 -5.40 4.14
C THR A 227 -11.71 -5.26 4.06
N GLN A 228 -12.44 -6.37 3.98
CA GLN A 228 -13.92 -6.30 3.95
C GLN A 228 -14.39 -5.55 5.20
N VAL A 229 -13.85 -5.89 6.38
CA VAL A 229 -14.39 -5.36 7.67
C VAL A 229 -13.60 -4.13 8.16
N THR A 230 -12.33 -3.96 7.76
CA THR A 230 -11.50 -2.78 8.19
C THR A 230 -11.50 -1.64 7.16
N GLY A 231 -11.78 -1.91 5.88
CA GLY A 231 -11.85 -0.87 4.83
C GLY A 231 -11.05 -1.26 3.60
N ARG A 232 -11.62 -1.01 2.43
CA ARG A 232 -10.96 -1.17 1.11
C ARG A 232 -10.40 0.19 0.72
N GLN A 233 -9.15 0.26 0.29
CA GLN A 233 -8.60 1.53 -0.24
C GLN A 233 -9.37 1.91 -1.51
N PRO A 234 -9.92 3.14 -1.58
CA PRO A 234 -10.45 3.66 -2.83
C PRO A 234 -9.33 3.81 -3.86
N LEU A 235 -9.64 3.46 -5.11
CA LEU A 235 -8.65 3.59 -6.21
C LEU A 235 -8.08 4.99 -6.14
N PRO A 236 -6.75 5.16 -5.97
CA PRO A 236 -6.14 6.47 -6.04
C PRO A 236 -6.22 7.04 -7.46
N PRO A 237 -5.95 8.34 -7.63
CA PRO A 237 -5.93 8.92 -8.96
C PRO A 237 -4.76 8.24 -9.71
N ARG A 238 -4.88 8.08 -11.02
CA ARG A 238 -3.84 7.33 -11.76
C ARG A 238 -2.51 8.08 -11.61
N TRP A 239 -2.54 9.40 -11.53
CA TRP A 239 -1.33 10.21 -11.32
C TRP A 239 -0.53 9.80 -10.06
N ALA A 240 -1.14 9.11 -9.07
CA ALA A 240 -0.39 8.65 -7.90
C ALA A 240 0.61 7.56 -8.32
N LEU A 241 0.43 6.94 -9.49
CA LEU A 241 1.33 5.92 -10.06
C LEU A 241 2.43 6.53 -10.90
N GLY A 242 2.48 7.85 -10.99
CA GLY A 242 3.48 8.55 -11.80
C GLY A 242 4.74 8.90 -11.05
N SER A 243 5.55 9.73 -11.70
CA SER A 243 6.86 10.27 -11.26
C SER A 243 6.62 11.51 -10.40
N PHE A 244 7.18 11.50 -9.20
CA PHE A 244 7.15 12.66 -8.28
C PHE A 244 8.54 13.29 -8.23
N ALA A 245 8.55 14.61 -8.38
CA ALA A 245 9.65 15.48 -8.00
C ALA A 245 9.49 15.89 -6.52
N SER A 246 10.44 15.50 -5.68
CA SER A 246 10.41 15.83 -4.23
C SER A 246 11.82 15.95 -3.69
N ARG A 247 11.98 16.85 -2.72
CA ARG A 247 13.16 16.99 -1.87
C ARG A 247 12.70 17.70 -0.59
N PHE A 248 13.56 17.70 0.40
CA PHE A 248 13.42 18.58 1.59
C PHE A 248 14.50 19.63 1.42
N GLY A 249 14.22 20.75 0.75
CA GLY A 249 12.93 21.16 0.19
C GLY A 249 13.14 22.23 -0.87
N TYR A 250 12.24 22.37 -1.86
CA TYR A 250 12.32 23.53 -2.80
C TYR A 250 12.22 24.79 -1.95
N ARG A 251 13.16 25.74 -2.12
CA ARG A 251 13.25 26.95 -1.26
C ARG A 251 12.39 28.07 -1.82
N SER A 252 12.00 27.97 -3.08
CA SER A 252 11.39 29.10 -3.79
C SER A 252 10.52 28.61 -4.95
N GLU A 253 9.63 29.49 -5.39
CA GLU A 253 8.83 29.30 -6.61
C GLU A 253 9.81 29.13 -7.79
N ALA A 254 10.84 29.95 -7.87
CA ALA A 254 11.88 29.87 -8.95
C ALA A 254 12.48 28.48 -8.98
N GLU A 255 12.85 27.96 -7.81
CA GLU A 255 13.49 26.64 -7.70
C GLU A 255 12.48 25.55 -8.08
N THR A 256 11.23 25.68 -7.66
CA THR A 256 10.17 24.69 -7.98
C THR A 256 9.95 24.72 -9.51
N ARG A 257 9.77 25.88 -10.10
CA ARG A 257 9.57 26.00 -11.57
C ARG A 257 10.82 25.43 -12.30
N ALA A 258 12.04 25.69 -11.78
CA ALA A 258 13.30 25.21 -12.40
C ALA A 258 13.37 23.69 -12.33
N THR A 259 12.80 23.07 -11.28
CA THR A 259 12.78 21.60 -11.18
C THR A 259 11.81 21.02 -12.23
N VAL A 260 10.60 21.57 -12.34
CA VAL A 260 9.62 21.07 -13.34
C VAL A 260 10.28 21.20 -14.72
N GLN A 261 10.92 22.34 -14.97
CA GLN A 261 11.64 22.62 -16.22
C GLN A 261 12.76 21.60 -16.42
N LYS A 262 13.45 21.22 -15.36
CA LYS A 262 14.58 20.23 -15.48
C LYS A 262 14.02 18.87 -15.90
N TYR A 263 12.86 18.45 -15.41
CA TYR A 263 12.24 17.20 -15.88
C TYR A 263 11.95 17.30 -17.41
N LYS A 264 11.57 18.49 -17.88
CA LYS A 264 11.21 18.69 -19.32
C LYS A 264 12.48 18.63 -20.16
N THR A 265 13.48 19.43 -19.80
CA THR A 265 14.75 19.49 -20.54
C THR A 265 15.53 18.17 -20.42
N GLU A 266 15.37 17.37 -19.35
CA GLU A 266 16.12 16.10 -19.18
C GLU A 266 15.31 14.91 -19.67
N ASP A 267 14.11 15.15 -20.18
CA ASP A 267 13.24 14.10 -20.76
C ASP A 267 13.03 12.99 -19.72
N PHE A 268 12.63 13.34 -18.50
CA PHE A 268 12.06 12.38 -17.53
C PHE A 268 10.57 12.64 -17.34
N PRO A 269 9.74 11.61 -17.31
CA PRO A 269 8.33 11.74 -16.94
C PRO A 269 8.16 12.42 -15.57
N LEU A 270 7.15 13.28 -15.46
CA LEU A 270 6.81 13.98 -14.19
C LEU A 270 5.32 14.20 -14.12
N ASP A 271 4.69 13.70 -13.06
CA ASP A 271 3.26 13.94 -12.79
C ASP A 271 3.05 14.97 -11.69
N THR A 272 3.92 15.03 -10.68
CA THR A 272 3.64 15.75 -9.42
C THR A 272 4.92 16.32 -8.82
N ILE A 273 4.87 17.59 -8.46
CA ILE A 273 5.96 18.21 -7.68
C ILE A 273 5.44 18.43 -6.24
N VAL A 274 6.25 18.03 -5.26
CA VAL A 274 5.91 18.08 -3.82
C VAL A 274 6.67 19.22 -3.15
N LEU A 275 5.94 20.11 -2.45
CA LEU A 275 6.52 21.28 -1.76
C LEU A 275 6.58 20.99 -0.24
N ASP A 276 7.81 20.98 0.28
CA ASP A 276 8.14 20.75 1.71
C ASP A 276 7.99 22.09 2.45
N LEU A 277 8.41 22.13 3.72
CA LEU A 277 7.93 23.17 4.68
C LEU A 277 8.40 24.58 4.30
N TYR A 278 9.29 24.77 3.31
CA TYR A 278 9.66 26.15 2.88
C TYR A 278 8.53 26.88 2.12
N TRP A 279 7.46 26.21 1.72
CA TRP A 279 6.32 26.86 1.01
C TRP A 279 5.63 27.84 1.97
N PHE A 280 5.76 27.64 3.30
CA PHE A 280 5.05 28.44 4.32
C PHE A 280 6.02 29.18 5.26
N GLY A 281 7.34 29.11 5.03
CA GLY A 281 8.32 29.92 5.77
C GLY A 281 9.74 29.80 5.26
N LYS A 282 10.60 30.77 5.58
CA LYS A 282 11.99 30.82 5.05
C LYS A 282 12.91 29.90 5.83
N ASP A 283 12.50 29.39 7.02
CA ASP A 283 13.37 28.57 7.89
C ASP A 283 12.67 27.25 8.21
N ILE A 284 13.45 26.26 8.62
CA ILE A 284 12.90 24.96 9.07
C ILE A 284 12.07 25.25 10.33
N LYS A 285 12.57 26.10 11.22
CA LYS A 285 12.03 26.28 12.59
C LYS A 285 11.18 27.52 12.61
N GLY A 286 10.05 27.47 13.31
CA GLY A 286 9.40 28.70 13.78
C GLY A 286 8.24 29.15 12.93
N HIS A 287 7.94 28.51 11.78
CA HIS A 287 6.84 28.96 10.90
C HIS A 287 5.72 27.94 10.84
N MET A 288 5.96 26.73 11.28
CA MET A 288 4.98 25.63 11.17
C MET A 288 3.66 26.10 11.82
N GLY A 289 2.57 26.07 11.05
CA GLY A 289 1.22 26.46 11.46
C GLY A 289 0.76 27.64 10.65
N ASN A 290 1.72 28.33 10.02
CA ASN A 290 1.40 29.41 9.04
C ASN A 290 0.35 28.90 8.03
N LEU A 291 0.54 27.69 7.52
CA LEU A 291 -0.37 27.05 6.55
C LEU A 291 -0.78 28.09 5.52
N ASP A 292 0.18 28.81 5.00
CA ASP A 292 -0.10 29.79 3.94
C ASP A 292 1.23 30.16 3.30
N TRP A 293 1.19 30.73 2.10
CA TRP A 293 2.38 30.93 1.25
C TRP A 293 3.35 31.91 1.90
N ASP A 294 4.63 31.55 1.92
CA ASP A 294 5.75 32.47 2.17
C ASP A 294 5.93 33.31 0.90
N LYS A 295 5.40 34.52 0.88
CA LYS A 295 5.23 35.31 -0.37
C LYS A 295 6.57 35.91 -0.80
N GLU A 296 7.52 36.04 0.11
CA GLU A 296 8.89 36.48 -0.22
C GLU A 296 9.49 35.43 -1.15
N ASN A 297 9.29 34.15 -0.92
CA ASN A 297 9.95 33.06 -1.70
C ASN A 297 8.99 32.42 -2.71
N PHE A 298 7.67 32.51 -2.51
CA PHE A 298 6.62 31.99 -3.40
C PHE A 298 5.69 33.14 -3.74
N PRO A 299 6.13 34.11 -4.58
CA PRO A 299 5.37 35.33 -4.81
C PRO A 299 4.07 35.16 -5.59
N THR A 300 3.96 34.20 -6.52
CA THR A 300 2.81 34.04 -7.44
C THR A 300 2.44 32.56 -7.49
N PRO A 301 2.00 32.01 -6.35
CA PRO A 301 1.74 30.58 -6.24
C PRO A 301 0.57 30.11 -7.09
N LEU A 302 -0.47 30.95 -7.25
CA LEU A 302 -1.65 30.57 -8.06
C LEU A 302 -1.17 30.42 -9.52
N ASP A 303 -0.48 31.42 -10.04
CA ASP A 303 0.13 31.35 -11.38
C ASP A 303 1.02 30.11 -11.46
N MET A 304 1.81 29.83 -10.41
CA MET A 304 2.75 28.70 -10.41
C MET A 304 1.98 27.40 -10.59
N MET A 305 0.97 27.14 -9.76
CA MET A 305 0.21 25.88 -9.84
C MET A 305 -0.52 25.76 -11.18
N ALA A 306 -1.05 26.87 -11.71
CA ALA A 306 -1.80 26.88 -12.99
C ALA A 306 -0.82 26.57 -14.15
N ASP A 307 0.36 27.19 -14.12
CA ASP A 307 1.46 26.94 -15.10
C ASP A 307 1.86 25.46 -15.07
N PHE A 308 1.99 24.86 -13.89
CA PHE A 308 2.25 23.42 -13.76
C PHE A 308 1.07 22.60 -14.34
N LYS A 309 -0.17 22.93 -14.00
CA LYS A 309 -1.37 22.21 -14.47
C LYS A 309 -1.37 22.24 -16.02
N GLN A 310 -0.94 23.33 -16.65
CA GLN A 310 -0.86 23.41 -18.14
C GLN A 310 0.12 22.37 -18.67
N GLN A 311 1.13 22.02 -17.90
CA GLN A 311 2.14 21.02 -18.29
C GLN A 311 1.73 19.66 -17.70
N GLY A 312 0.51 19.52 -17.19
CA GLY A 312 0.05 18.20 -16.70
C GLY A 312 0.71 17.84 -15.34
N VAL A 313 1.27 18.82 -14.65
CA VAL A 313 1.99 18.61 -13.35
C VAL A 313 1.10 19.09 -12.18
N LYS A 314 0.89 18.21 -11.19
CA LYS A 314 0.11 18.51 -9.96
C LYS A 314 1.07 19.06 -8.90
N THR A 315 0.54 19.90 -7.99
CA THR A 315 1.26 20.44 -6.82
C THR A 315 0.68 19.79 -5.54
N VAL A 316 1.53 19.21 -4.70
CA VAL A 316 1.23 18.66 -3.35
C VAL A 316 2.02 19.45 -2.31
N LEU A 317 1.34 19.86 -1.24
CA LEU A 317 1.93 20.69 -0.15
C LEU A 317 1.96 19.85 1.11
N ILE A 318 3.03 19.98 1.87
CA ILE A 318 3.18 19.41 3.22
C ILE A 318 2.32 20.25 4.20
N THR A 319 1.76 19.56 5.16
CA THR A 319 1.04 20.11 6.31
C THR A 319 1.40 19.23 7.50
N GLU A 320 1.23 19.78 8.70
CA GLU A 320 1.62 19.14 9.97
C GLU A 320 0.58 19.42 11.05
N PRO A 321 0.53 18.61 12.12
CA PRO A 321 -0.46 18.82 13.16
C PRO A 321 -0.18 20.05 14.04
N PHE A 322 1.06 20.53 14.04
CA PHE A 322 1.57 21.49 15.05
C PHE A 322 1.36 22.90 14.56
N VAL A 323 0.78 23.76 15.41
CA VAL A 323 0.75 25.23 15.22
C VAL A 323 1.68 25.83 16.26
N LEU A 324 2.77 26.43 15.82
CA LEU A 324 3.77 27.05 16.71
C LEU A 324 3.20 28.35 17.28
N THR A 325 3.62 28.68 18.51
CA THR A 325 3.27 29.98 19.15
C THR A 325 3.91 31.12 18.38
N SER A 326 4.99 30.86 17.62
CA SER A 326 5.68 31.86 16.73
C SER A 326 4.98 31.99 15.37
N SER A 327 4.06 31.10 14.99
CA SER A 327 3.35 31.14 13.68
C SER A 327 2.25 32.20 13.62
N LYS A 328 1.90 32.65 12.41
CA LYS A 328 0.85 33.65 12.14
C LYS A 328 -0.55 33.12 12.55
N ARG A 329 -0.72 31.83 12.81
CA ARG A 329 -2.07 31.26 13.09
C ARG A 329 -2.25 30.85 14.57
N TRP A 330 -1.24 31.04 15.43
CA TRP A 330 -1.37 30.72 16.89
C TRP A 330 -2.63 31.39 17.49
N ASP A 331 -2.69 32.73 17.47
CA ASP A 331 -3.78 33.52 18.11
C ASP A 331 -5.14 33.07 17.55
N ASP A 332 -5.26 32.94 16.22
CA ASP A 332 -6.53 32.53 15.58
C ASP A 332 -6.89 31.10 15.98
N ALA A 333 -5.93 30.18 16.06
CA ALA A 333 -6.21 28.79 16.48
C ALA A 333 -6.71 28.76 17.95
N VAL A 334 -6.05 29.53 18.81
CA VAL A 334 -6.43 29.62 20.25
C VAL A 334 -7.87 30.18 20.29
N LYS A 335 -8.11 31.27 19.56
CA LYS A 335 -9.43 31.93 19.55
C LYS A 335 -10.50 30.92 19.10
N ALA A 336 -10.22 30.09 18.11
CA ALA A 336 -11.20 29.14 17.53
C ALA A 336 -11.27 27.88 18.38
N LYS A 337 -10.42 27.75 19.39
CA LYS A 337 -10.40 26.53 20.25
C LYS A 337 -10.01 25.32 19.39
N ALA A 338 -9.08 25.51 18.44
CA ALA A 338 -8.70 24.46 17.46
C ALA A 338 -7.65 23.55 18.06
N LEU A 339 -6.89 24.01 19.07
CA LEU A 339 -5.75 23.26 19.65
C LEU A 339 -6.17 22.42 20.87
N ALA A 340 -5.50 21.28 21.08
CA ALA A 340 -5.63 20.44 22.28
C ALA A 340 -5.19 21.27 23.51
N LYS A 341 -5.72 20.90 24.66
CA LYS A 341 -5.69 21.73 25.91
C LYS A 341 -4.88 20.98 26.97
N ASP A 342 -4.36 21.69 27.98
CA ASP A 342 -3.83 21.04 29.22
C ASP A 342 -5.03 20.70 30.11
N PRO A 343 -4.83 19.96 31.23
CA PRO A 343 -5.96 19.67 32.12
C PRO A 343 -6.57 20.96 32.71
N GLN A 344 -5.78 22.04 32.85
CA GLN A 344 -6.23 23.38 33.33
C GLN A 344 -7.10 24.09 32.27
N GLY A 345 -7.08 23.64 31.00
CA GLY A 345 -8.02 24.09 29.94
C GLY A 345 -7.47 25.19 29.03
N GLN A 346 -6.20 25.55 29.21
CA GLN A 346 -5.47 26.46 28.29
C GLN A 346 -5.03 25.62 27.07
N PRO A 347 -4.70 26.27 25.93
CA PRO A 347 -3.90 25.62 24.89
C PRO A 347 -2.61 24.99 25.42
N LYS A 348 -2.40 23.70 25.18
CA LYS A 348 -1.14 22.98 25.49
C LYS A 348 -0.08 23.37 24.44
N ALA A 349 1.04 23.90 24.92
CA ALA A 349 2.24 24.29 24.15
C ALA A 349 3.39 23.43 24.64
N PHE A 350 4.27 22.97 23.75
CA PHE A 350 5.40 22.08 24.07
C PHE A 350 6.47 22.24 22.97
N GLU A 351 7.69 21.80 23.26
CA GLU A 351 8.88 21.91 22.38
C GLU A 351 8.89 20.73 21.41
N LEU A 352 8.86 21.08 20.13
CA LEU A 352 9.13 20.19 18.97
C LEU A 352 10.53 20.54 18.51
N TYR A 353 11.10 19.75 17.62
CA TYR A 353 12.33 20.14 16.87
C TYR A 353 12.07 21.49 16.19
N PHE A 354 10.85 21.77 15.71
CA PHE A 354 10.52 22.99 14.90
C PHE A 354 10.30 24.22 15.76
N GLY A 355 10.04 24.05 17.06
CA GLY A 355 9.79 25.19 17.98
C GLY A 355 8.80 24.84 19.08
N ASN A 356 8.18 25.86 19.67
CA ASN A 356 7.20 25.72 20.76
C ASN A 356 5.80 25.86 20.15
N GLY A 357 4.92 24.90 20.35
CA GLY A 357 3.57 25.00 19.77
C GLY A 357 2.62 23.96 20.32
N GLY A 358 1.39 24.05 19.85
CA GLY A 358 0.28 23.12 20.13
C GLY A 358 0.00 22.16 18.99
N ILE A 359 -0.94 21.27 19.21
CA ILE A 359 -1.37 20.23 18.26
C ILE A 359 -2.84 20.51 17.97
N ILE A 360 -3.20 20.65 16.70
CA ILE A 360 -4.60 20.83 16.24
C ILE A 360 -5.38 19.62 16.72
N ASP A 361 -6.54 19.82 17.32
CA ASP A 361 -7.30 18.66 17.87
C ASP A 361 -8.29 18.19 16.80
N VAL A 362 -7.87 17.22 15.99
CA VAL A 362 -8.68 16.64 14.87
C VAL A 362 -9.81 15.77 15.44
N PHE A 363 -9.73 15.36 16.72
CA PHE A 363 -10.84 14.64 17.41
C PHE A 363 -11.95 15.62 17.84
N SER A 364 -11.74 16.94 17.74
CA SER A 364 -12.75 17.95 18.16
C SER A 364 -13.46 18.52 16.94
N LYS A 365 -14.72 18.92 17.10
CA LYS A 365 -15.52 19.68 16.12
C LYS A 365 -14.76 20.93 15.70
N GLU A 366 -14.23 21.70 16.65
CA GLU A 366 -13.64 23.05 16.43
C GLU A 366 -12.32 22.93 15.64
N GLY A 367 -11.47 22.02 16.08
CA GLY A 367 -10.22 21.60 15.43
C GLY A 367 -10.47 21.14 14.00
N SER A 368 -11.45 20.25 13.79
CA SER A 368 -11.77 19.65 12.46
C SER A 368 -12.23 20.76 11.51
N ARG A 369 -13.10 21.63 11.98
CA ARG A 369 -13.67 22.71 11.15
C ARG A 369 -12.58 23.72 10.84
N TRP A 370 -11.77 24.09 11.84
CA TRP A 370 -10.72 25.11 11.60
C TRP A 370 -9.72 24.59 10.55
N PHE A 371 -9.23 23.35 10.72
CA PHE A 371 -8.16 22.75 9.88
C PHE A 371 -8.72 22.53 8.47
N SER A 372 -9.90 21.89 8.40
CA SER A 372 -10.66 21.61 7.16
C SER A 372 -10.77 22.89 6.32
N SER A 373 -11.10 24.01 6.96
N SER A 373 -11.10 24.03 6.93
CA SER A 373 -11.30 25.32 6.28
CA SER A 373 -11.33 25.30 6.19
C SER A 373 -10.03 25.72 5.53
C SER A 373 -10.02 25.76 5.52
N ILE A 374 -8.87 25.50 6.14
CA ILE A 374 -7.56 25.88 5.58
C ILE A 374 -7.27 24.97 4.37
N TYR A 375 -7.47 23.65 4.49
CA TYR A 375 -7.30 22.70 3.35
C TYR A 375 -8.21 23.11 2.19
N LYS A 376 -9.41 23.56 2.50
CA LYS A 376 -10.41 23.91 1.48
C LYS A 376 -9.90 25.14 0.71
N ASP A 377 -9.40 26.13 1.43
CA ASP A 377 -8.92 27.39 0.85
C ASP A 377 -7.72 27.10 -0.09
N LEU A 378 -6.77 26.30 0.38
CA LEU A 378 -5.53 26.00 -0.40
C LEU A 378 -5.89 25.11 -1.60
N SER A 379 -6.78 24.14 -1.46
CA SER A 379 -7.25 23.32 -2.59
C SER A 379 -7.90 24.20 -3.67
N LYS A 380 -8.67 25.22 -3.26
CA LYS A 380 -9.34 26.13 -4.22
C LYS A 380 -8.27 26.91 -4.99
N GLN A 381 -7.14 27.20 -4.35
CA GLN A 381 -6.07 27.98 -5.02
C GLN A 381 -5.41 27.11 -6.12
N GLY A 382 -5.51 25.78 -6.06
CA GLY A 382 -4.93 24.87 -7.08
C GLY A 382 -4.20 23.65 -6.55
N VAL A 383 -4.10 23.46 -5.23
CA VAL A 383 -3.37 22.30 -4.67
C VAL A 383 -4.16 21.06 -5.03
N ALA A 384 -3.48 20.02 -5.58
CA ALA A 384 -4.11 18.81 -6.13
C ALA A 384 -4.14 17.69 -5.11
N GLY A 385 -3.23 17.74 -4.14
CA GLY A 385 -3.04 16.63 -3.21
C GLY A 385 -2.31 17.08 -1.97
N TRP A 386 -2.26 16.20 -0.98
CA TRP A 386 -1.85 16.58 0.38
C TRP A 386 -0.88 15.59 0.99
N TRP A 387 0.13 16.18 1.60
CA TRP A 387 1.14 15.48 2.43
C TRP A 387 0.92 15.88 3.89
N GLY A 388 0.53 14.95 4.74
CA GLY A 388 0.33 15.20 6.18
C GLY A 388 1.44 14.55 6.96
N ASP A 389 2.42 15.32 7.39
CA ASP A 389 3.63 14.78 8.06
C ASP A 389 3.50 14.89 9.61
N LEU A 390 4.31 14.11 10.36
CA LEU A 390 4.48 14.18 11.85
C LEU A 390 3.23 13.73 12.60
N GLY A 391 2.40 12.85 12.00
CA GLY A 391 1.07 12.47 12.55
C GLY A 391 1.16 11.35 13.60
N GLU A 392 2.35 11.04 14.13
CA GLU A 392 2.54 9.93 15.11
C GLU A 392 1.65 10.14 16.35
N PRO A 393 1.33 11.37 16.82
CA PRO A 393 2.06 12.61 16.54
C PRO A 393 3.49 12.58 17.03
N GLU A 394 4.35 13.34 16.36
CA GLU A 394 5.82 13.21 16.56
C GLU A 394 6.16 13.48 18.04
N MET A 395 5.59 14.54 18.60
CA MET A 395 5.68 14.90 20.05
C MET A 395 4.23 15.06 20.54
N HIS A 396 3.90 14.33 21.60
CA HIS A 396 2.54 14.21 22.14
C HIS A 396 2.64 14.05 23.67
N PRO A 397 2.92 15.14 24.43
CA PRO A 397 3.05 15.03 25.89
C PRO A 397 1.80 14.41 26.53
N GLU A 398 2.03 13.50 27.49
CA GLU A 398 1.01 12.57 28.08
C GLU A 398 -0.15 13.31 28.72
N ASP A 399 0.00 14.61 29.04
CA ASP A 399 -1.06 15.43 29.70
C ASP A 399 -1.80 16.27 28.67
N THR A 400 -1.51 16.13 27.37
CA THR A 400 -2.29 16.80 26.31
C THR A 400 -3.69 16.18 26.33
N GLN A 401 -4.72 17.01 26.18
CA GLN A 401 -6.14 16.59 26.25
C GLN A 401 -6.81 16.87 24.89
N HIS A 402 -7.34 15.81 24.27
CA HIS A 402 -8.19 15.89 23.06
C HIS A 402 -9.65 15.77 23.49
N ALA A 403 -10.58 16.21 22.65
CA ALA A 403 -12.03 16.14 22.94
C ALA A 403 -12.40 14.78 23.53
N ILE A 404 -11.80 13.65 23.13
CA ILE A 404 -12.33 12.29 23.46
C ILE A 404 -11.38 11.52 24.39
N GLY A 405 -10.26 12.08 24.83
CA GLY A 405 -9.27 11.30 25.59
C GLY A 405 -7.96 12.05 25.71
N ASP A 406 -7.04 11.52 26.51
CA ASP A 406 -5.70 12.14 26.69
C ASP A 406 -4.78 11.55 25.61
N ALA A 407 -3.62 12.17 25.46
CA ALA A 407 -2.63 11.88 24.40
C ALA A 407 -2.34 10.39 24.37
N ASP A 408 -2.07 9.79 25.54
CA ASP A 408 -1.62 8.38 25.64
C ASP A 408 -2.77 7.45 25.27
N THR A 409 -4.02 7.92 25.38
CA THR A 409 -5.22 7.11 25.08
C THR A 409 -5.50 7.13 23.57
N VAL A 410 -5.37 8.27 22.88
CA VAL A 410 -5.75 8.48 21.44
C VAL A 410 -4.52 8.36 20.50
N HIS A 411 -3.29 8.38 21.05
CA HIS A 411 -2.02 8.55 20.30
C HIS A 411 -2.05 7.83 18.94
N ASN A 412 -2.31 6.52 18.91
CA ASN A 412 -2.08 5.72 17.68
C ASN A 412 -3.21 5.88 16.65
N ALA A 413 -4.20 6.74 16.90
CA ALA A 413 -5.37 6.96 16.02
C ALA A 413 -5.42 8.42 15.58
N TYR A 414 -4.49 9.26 16.03
CA TYR A 414 -4.47 10.71 15.69
C TYR A 414 -4.40 10.83 14.14
N GLY A 415 -3.40 10.18 13.56
CA GLY A 415 -3.12 10.17 12.10
C GLY A 415 -4.31 9.62 11.32
N HIS A 416 -4.90 8.53 11.82
CA HIS A 416 -6.13 7.87 11.32
C HIS A 416 -7.28 8.87 11.20
N ARG A 417 -7.53 9.61 12.28
CA ARG A 417 -8.62 10.61 12.29
C ARG A 417 -8.24 11.80 11.40
N TRP A 418 -6.96 12.18 11.37
CA TRP A 418 -6.51 13.31 10.50
C TRP A 418 -6.82 12.96 9.01
N ALA A 419 -6.51 11.73 8.62
CA ALA A 419 -6.80 11.17 7.28
C ALA A 419 -8.31 11.24 7.03
N GLU A 420 -9.10 10.78 7.99
CA GLU A 420 -10.57 10.76 7.84
C GLU A 420 -11.06 12.18 7.59
N MET A 421 -10.69 13.11 8.48
CA MET A 421 -11.04 14.53 8.36
C MET A 421 -10.68 15.03 6.95
N LEU A 422 -9.45 14.78 6.49
CA LEU A 422 -8.93 15.36 5.22
C LEU A 422 -9.62 14.66 4.03
N TYR A 423 -9.81 13.36 4.12
CA TYR A 423 -10.50 12.57 3.08
C TYR A 423 -11.94 13.09 2.91
N GLN A 424 -12.72 13.13 3.99
CA GLN A 424 -14.11 13.65 3.98
C GLN A 424 -14.11 15.06 3.41
N GLN A 425 -13.19 15.89 3.84
CA GLN A 425 -13.11 17.30 3.37
C GLN A 425 -12.90 17.36 1.84
N GLN A 426 -11.94 16.60 1.32
CA GLN A 426 -11.60 16.60 -0.14
C GLN A 426 -12.81 16.07 -0.95
N LEU A 427 -13.52 15.06 -0.46
CA LEU A 427 -14.72 14.49 -1.14
C LEU A 427 -15.85 15.50 -1.18
N ASP A 428 -16.01 16.32 -0.13
N ASP A 428 -16.02 16.31 -0.13
CA ASP A 428 -17.07 17.34 -0.04
CA ASP A 428 -17.09 17.35 -0.07
C ASP A 428 -16.74 18.50 -0.99
C ASP A 428 -16.73 18.49 -1.02
N GLN A 429 -15.46 18.89 -1.08
CA GLN A 429 -15.04 19.98 -1.99
C GLN A 429 -15.03 19.50 -3.47
N PHE A 430 -14.54 18.30 -3.75
CA PHE A 430 -14.31 17.75 -5.12
C PHE A 430 -14.88 16.35 -5.21
N PRO A 431 -16.22 16.22 -5.27
CA PRO A 431 -16.87 14.91 -5.32
C PRO A 431 -16.51 14.07 -6.56
N GLU A 432 -15.97 14.70 -7.62
CA GLU A 432 -15.66 14.02 -8.89
C GLU A 432 -14.16 13.72 -8.97
N LEU A 433 -13.41 13.93 -7.88
CA LEU A 433 -11.95 13.65 -7.85
C LEU A 433 -11.60 12.69 -6.71
N ARG A 434 -10.52 11.95 -6.91
CA ARG A 434 -9.97 11.00 -5.91
C ARG A 434 -8.93 11.73 -5.06
N PRO A 435 -9.13 11.82 -3.74
CA PRO A 435 -8.12 12.45 -2.89
C PRO A 435 -6.81 11.66 -2.92
N PHE A 436 -5.75 12.43 -2.88
CA PHE A 436 -4.36 12.01 -2.62
C PHE A 436 -3.95 12.55 -1.25
N ILE A 437 -3.72 11.61 -0.36
CA ILE A 437 -3.38 11.84 1.08
C ILE A 437 -2.19 10.95 1.43
N MET A 438 -1.02 11.55 1.52
CA MET A 438 0.20 10.83 1.92
C MET A 438 0.50 11.19 3.39
N MET A 439 0.66 10.18 4.22
CA MET A 439 0.85 10.39 5.68
C MET A 439 1.83 9.38 6.23
N ARG A 440 2.36 9.67 7.44
CA ARG A 440 3.49 8.96 8.08
C ARG A 440 3.00 7.97 9.12
N ALA A 441 1.75 8.12 9.55
CA ALA A 441 1.23 7.33 10.70
C ALA A 441 -0.27 7.23 10.62
N GLY A 442 -0.78 6.03 10.89
CA GLY A 442 -2.23 5.80 10.95
C GLY A 442 -2.55 4.66 11.88
N PHE A 443 -3.69 4.04 11.62
CA PHE A 443 -4.20 2.89 12.39
C PHE A 443 -4.69 1.85 11.40
N VAL A 444 -4.90 0.63 11.87
CA VAL A 444 -5.66 -0.40 11.13
C VAL A 444 -6.91 0.30 10.55
N GLY A 445 -7.14 0.13 9.24
CA GLY A 445 -8.31 0.69 8.55
C GLY A 445 -8.05 2.04 7.91
N SER A 446 -6.88 2.66 8.14
CA SER A 446 -6.64 4.03 7.62
C SER A 446 -6.69 4.03 6.07
N GLN A 447 -6.45 2.89 5.43
CA GLN A 447 -6.51 2.75 3.95
C GLN A 447 -7.91 3.14 3.46
N ARG A 448 -8.95 3.07 4.30
CA ARG A 448 -10.32 3.41 3.86
C ARG A 448 -10.43 4.91 3.65
N TYR A 449 -9.46 5.68 4.11
CA TYR A 449 -9.43 7.16 3.95
C TYR A 449 -8.40 7.52 2.87
N GLY A 450 -8.03 6.51 2.07
CA GLY A 450 -7.03 6.62 1.00
C GLY A 450 -5.63 6.90 1.53
N MET A 451 -5.30 6.54 2.77
CA MET A 451 -3.95 6.83 3.28
C MET A 451 -2.89 6.14 2.43
N ILE A 452 -1.90 6.91 2.02
CA ILE A 452 -0.70 6.42 1.31
C ILE A 452 0.50 6.65 2.23
N PRO A 453 1.00 5.61 2.92
CA PRO A 453 2.11 5.79 3.84
C PRO A 453 3.48 5.64 3.18
N TRP A 454 4.46 6.31 3.77
CA TRP A 454 5.88 6.14 3.43
C TRP A 454 6.68 5.83 4.70
N THR A 455 7.84 5.19 4.55
CA THR A 455 8.63 4.58 5.66
C THR A 455 9.55 5.61 6.31
N GLY A 456 9.21 6.90 6.23
CA GLY A 456 9.89 7.99 6.93
C GLY A 456 11.36 8.12 6.61
N ASP A 457 12.14 8.60 7.59
CA ASP A 457 13.45 9.24 7.39
C ASP A 457 14.55 8.18 7.32
N VAL A 458 14.48 7.31 6.31
CA VAL A 458 15.46 6.23 6.11
C VAL A 458 16.83 6.83 5.85
N SER A 459 17.86 6.20 6.40
CA SER A 459 19.27 6.62 6.16
C SER A 459 19.57 6.39 4.66
N ARG A 460 20.45 7.22 4.14
CA ARG A 460 21.12 7.02 2.83
C ARG A 460 22.15 5.90 2.96
N THR A 461 21.73 4.70 3.33
CA THR A 461 22.64 3.53 3.38
C THR A 461 21.99 2.29 2.74
N TRP A 462 22.85 1.34 2.37
CA TRP A 462 22.43 0.05 1.79
C TRP A 462 21.49 -0.63 2.78
N GLY A 463 21.80 -0.55 4.08
CA GLY A 463 20.95 -1.13 5.12
C GLY A 463 19.58 -0.48 5.09
N GLY A 464 19.52 0.83 4.81
CA GLY A 464 18.22 1.52 4.67
C GLY A 464 17.42 0.92 3.50
N LEU A 465 18.07 0.71 2.37
CA LEU A 465 17.43 0.08 1.17
C LEU A 465 17.05 -1.37 1.51
N ALA A 466 17.91 -2.10 2.21
CA ALA A 466 17.77 -3.57 2.39
C ALA A 466 16.58 -3.91 3.29
N SER A 467 16.08 -2.90 4.02
CA SER A 467 14.95 -3.05 4.98
C SER A 467 13.60 -2.74 4.32
N GLN A 468 13.58 -2.10 3.16
CA GLN A 468 12.32 -1.55 2.58
C GLN A 468 11.35 -2.65 2.17
N VAL A 469 11.82 -3.75 1.62
CA VAL A 469 10.92 -4.84 1.18
C VAL A 469 10.25 -5.40 2.44
N GLU A 470 11.02 -5.60 3.51
CA GLU A 470 10.45 -6.10 4.79
C GLU A 470 9.35 -5.14 5.24
N LEU A 471 9.64 -3.85 5.32
CA LEU A 471 8.64 -2.85 5.75
C LEU A 471 7.41 -2.88 4.82
N ALA A 472 7.63 -2.91 3.50
CA ALA A 472 6.53 -2.80 2.54
C ALA A 472 5.61 -4.00 2.71
N LEU A 473 6.18 -5.19 2.80
CA LEU A 473 5.36 -6.43 2.85
C LEU A 473 4.57 -6.43 4.16
N GLN A 474 5.19 -5.97 5.26
CA GLN A 474 4.53 -6.02 6.59
C GLN A 474 3.33 -5.08 6.56
N MET A 475 3.48 -3.91 5.94
CA MET A 475 2.37 -2.94 5.81
C MET A 475 1.36 -3.41 4.74
N SER A 476 1.83 -3.97 3.61
CA SER A 476 0.94 -4.44 2.50
C SER A 476 0.02 -5.54 3.03
N LEU A 477 0.58 -6.43 3.85
CA LEU A 477 -0.16 -7.63 4.31
C LEU A 477 -1.34 -7.22 5.20
N LEU A 478 -1.27 -6.04 5.81
CA LEU A 478 -2.27 -5.57 6.81
C LEU A 478 -2.95 -4.28 6.36
N GLY A 479 -3.08 -4.09 5.03
CA GLY A 479 -4.07 -3.16 4.47
C GLY A 479 -3.50 -2.00 3.66
N PHE A 480 -2.18 -1.82 3.57
CA PHE A 480 -1.55 -0.59 3.03
C PHE A 480 -0.80 -0.88 1.72
N GLY A 481 -1.54 -0.95 0.61
CA GLY A 481 -0.99 -1.33 -0.71
C GLY A 481 0.02 -0.33 -1.23
N TYR A 482 -0.05 0.93 -0.77
CA TYR A 482 0.72 2.05 -1.38
C TYR A 482 1.89 2.48 -0.47
N ILE A 483 2.21 1.64 0.52
CA ILE A 483 3.46 1.78 1.33
C ILE A 483 4.63 1.90 0.35
N HIS A 484 5.48 2.88 0.55
CA HIS A 484 6.68 3.07 -0.29
C HIS A 484 7.79 3.73 0.52
N SER A 485 8.96 3.91 -0.08
CA SER A 485 10.12 4.55 0.58
C SER A 485 10.43 5.85 -0.13
N ASP A 486 11.11 6.76 0.57
CA ASP A 486 11.85 7.87 -0.03
C ASP A 486 12.92 7.28 -0.93
N LEU A 487 12.71 7.32 -2.25
CA LEU A 487 13.66 6.62 -3.15
C LEU A 487 15.03 7.35 -3.13
N GLY A 488 16.13 6.59 -3.00
CA GLY A 488 17.49 7.16 -2.88
C GLY A 488 17.93 7.35 -1.42
N GLY A 489 16.97 7.30 -0.49
CA GLY A 489 17.19 7.56 0.94
C GLY A 489 17.09 9.04 1.29
N PHE A 490 16.74 9.29 2.55
CA PHE A 490 16.38 10.62 3.09
C PHE A 490 17.51 11.26 3.92
N ALA A 491 18.01 10.51 4.92
CA ALA A 491 18.70 11.09 6.10
C ALA A 491 20.22 11.13 5.91
N ASP A 492 20.79 12.32 6.17
CA ASP A 492 22.22 12.64 6.36
C ASP A 492 22.97 12.25 5.09
N GLY A 493 24.16 11.63 5.22
CA GLY A 493 25.13 11.52 4.11
C GLY A 493 25.72 12.88 3.83
N GLU A 494 26.87 12.93 3.18
CA GLU A 494 27.53 14.19 2.77
C GLU A 494 27.73 14.20 1.23
N THR A 495 27.81 13.05 0.60
CA THR A 495 27.96 12.96 -0.88
C THR A 495 27.13 11.77 -1.37
N LEU A 496 26.61 11.85 -2.59
CA LEU A 496 25.73 10.79 -3.14
C LEU A 496 26.48 9.45 -3.17
N ASP A 497 25.88 8.39 -2.68
CA ASP A 497 26.36 7.02 -2.97
C ASP A 497 25.66 6.62 -4.28
N LYS A 498 26.32 6.83 -5.42
CA LYS A 498 25.71 6.67 -6.76
C LYS A 498 25.13 5.26 -6.94
N GLU A 499 25.89 4.21 -6.64
CA GLU A 499 25.44 2.82 -6.87
C GLU A 499 24.20 2.54 -6.02
N MET A 500 24.20 2.96 -4.76
CA MET A 500 23.04 2.75 -3.86
C MET A 500 21.83 3.51 -4.43
N TYR A 501 22.02 4.75 -4.85
CA TYR A 501 20.95 5.62 -5.37
C TYR A 501 20.31 4.91 -6.57
N ILE A 502 21.14 4.41 -7.49
CA ILE A 502 20.71 3.78 -8.76
C ILE A 502 19.92 2.53 -8.39
N ARG A 503 20.45 1.68 -7.51
CA ARG A 503 19.72 0.45 -7.09
C ARG A 503 18.38 0.80 -6.46
N TRP A 504 18.33 1.91 -5.71
CA TRP A 504 17.12 2.34 -4.97
C TRP A 504 16.05 2.80 -5.98
N LEU A 505 16.44 3.60 -6.97
CA LEU A 505 15.48 4.08 -8.01
C LEU A 505 15.11 2.99 -9.05
N GLN A 506 15.92 1.94 -9.24
CA GLN A 506 15.54 0.71 -9.99
C GLN A 506 14.46 -0.05 -9.26
N TYR A 507 14.69 -0.34 -7.98
CA TYR A 507 13.71 -0.99 -7.10
C TYR A 507 12.40 -0.19 -7.12
N GLY A 508 12.53 1.12 -7.10
CA GLY A 508 11.41 2.07 -7.04
C GLY A 508 10.39 1.80 -8.14
N VAL A 509 10.86 1.42 -9.34
CA VAL A 509 9.98 1.14 -10.52
C VAL A 509 8.98 0.06 -10.15
N PHE A 510 9.39 -0.87 -9.28
CA PHE A 510 8.64 -2.10 -8.92
C PHE A 510 8.13 -2.02 -7.48
N GLN A 511 7.84 -0.81 -6.99
CA GLN A 511 7.11 -0.67 -5.71
C GLN A 511 6.13 0.46 -5.87
N PRO A 512 5.20 0.62 -4.90
CA PRO A 512 3.98 1.36 -5.15
C PRO A 512 4.03 2.82 -5.61
N VAL A 513 4.88 3.68 -5.06
CA VAL A 513 4.78 5.13 -5.35
C VAL A 513 6.18 5.58 -5.70
N TYR A 514 6.35 6.16 -6.89
CA TYR A 514 7.69 6.51 -7.43
C TYR A 514 8.05 7.91 -6.94
N ARG A 515 8.51 8.01 -5.67
CA ARG A 515 8.77 9.32 -5.05
C ARG A 515 10.15 9.33 -4.42
N PRO A 516 11.19 9.65 -5.21
CA PRO A 516 12.48 10.00 -4.63
C PRO A 516 12.33 11.27 -3.79
N HIS A 517 12.97 11.28 -2.61
CA HIS A 517 12.89 12.39 -1.61
C HIS A 517 14.10 12.27 -0.66
N GLY A 518 14.79 13.36 -0.37
CA GLY A 518 15.89 13.37 0.60
C GLY A 518 16.24 14.78 1.00
N GLN A 519 17.01 14.92 2.06
CA GLN A 519 17.52 16.24 2.51
C GLN A 519 18.34 16.85 1.37
N ASP A 520 18.16 18.12 1.10
CA ASP A 520 18.53 18.72 -0.21
C ASP A 520 20.01 19.11 -0.30
N HIS A 521 20.90 18.68 0.61
CA HIS A 521 22.37 18.86 0.44
C HIS A 521 22.85 17.82 -0.58
N ILE A 522 22.09 16.75 -0.81
CA ILE A 522 22.29 15.76 -1.91
C ILE A 522 20.99 15.69 -2.72
N PRO A 523 20.99 15.85 -4.08
CA PRO A 523 19.77 15.76 -4.88
C PRO A 523 19.08 14.40 -4.75
N SER A 524 17.77 14.43 -4.50
CA SER A 524 16.91 13.22 -4.52
C SER A 524 16.37 12.99 -5.96
N GLU A 525 16.22 14.04 -6.78
CA GLU A 525 15.53 13.87 -8.08
C GLU A 525 16.48 13.29 -9.14
N PRO A 526 16.03 12.34 -9.98
CA PRO A 526 16.93 11.67 -10.91
C PRO A 526 17.46 12.66 -11.96
N VAL A 527 16.73 13.75 -12.22
CA VAL A 527 17.08 14.73 -13.29
C VAL A 527 18.33 15.51 -12.91
N PHE A 528 18.72 15.48 -11.64
CA PHE A 528 19.88 16.23 -11.14
C PHE A 528 21.09 15.29 -11.01
N GLN A 529 21.08 14.09 -11.59
CA GLN A 529 22.16 13.09 -11.44
C GLN A 529 23.12 13.20 -12.64
N ASP A 530 24.23 12.44 -12.62
CA ASP A 530 25.26 12.50 -13.69
C ASP A 530 24.71 11.74 -14.92
N GLU A 531 25.42 11.85 -16.05
CA GLU A 531 24.98 11.28 -17.35
C GLU A 531 24.78 9.78 -17.20
N GLU A 532 25.70 9.10 -16.56
CA GLU A 532 25.60 7.62 -16.44
C GLU A 532 24.29 7.30 -15.72
N THR A 533 24.02 8.02 -14.64
CA THR A 533 22.87 7.71 -13.75
C THR A 533 21.57 7.96 -14.54
N LYS A 534 21.50 9.08 -15.23
CA LYS A 534 20.31 9.41 -16.06
C LYS A 534 20.16 8.37 -17.16
N ALA A 535 21.27 7.94 -17.80
CA ALA A 535 21.17 7.01 -18.95
C ALA A 535 20.64 5.67 -18.43
N ILE A 536 20.90 5.34 -17.15
CA ILE A 536 20.33 4.09 -16.54
C ILE A 536 18.86 4.30 -16.17
N LEU A 537 18.52 5.40 -15.51
CA LEU A 537 17.20 5.56 -14.86
C LEU A 537 16.15 6.10 -15.85
N ARG A 538 16.51 6.97 -16.77
CA ARG A 538 15.51 7.52 -17.72
C ARG A 538 14.67 6.40 -18.36
N PRO A 539 15.25 5.35 -18.98
CA PRO A 539 14.39 4.33 -19.61
C PRO A 539 13.60 3.50 -18.59
N LEU A 540 14.03 3.49 -17.35
CA LEU A 540 13.28 2.75 -16.30
C LEU A 540 12.10 3.59 -15.79
N VAL A 541 12.25 4.90 -15.69
CA VAL A 541 11.12 5.78 -15.29
C VAL A 541 10.13 5.79 -16.48
N LYS A 542 10.60 5.78 -17.73
CA LYS A 542 9.67 5.59 -18.89
C LYS A 542 9.01 4.22 -18.77
N LEU A 543 9.76 3.20 -18.43
CA LEU A 543 9.16 1.85 -18.31
C LEU A 543 8.00 1.87 -17.31
N ARG A 544 8.21 2.49 -16.16
CA ARG A 544 7.15 2.65 -15.15
C ARG A 544 5.88 3.19 -15.83
N TYR A 545 5.99 4.23 -16.65
CA TYR A 545 4.81 4.79 -17.38
C TYR A 545 4.27 3.84 -18.45
N ARG A 546 5.15 3.13 -19.18
CA ARG A 546 4.72 2.19 -20.22
C ARG A 546 3.97 1.04 -19.55
N MET A 547 4.33 0.75 -18.31
CA MET A 547 3.72 -0.32 -17.49
C MET A 547 2.47 0.13 -16.74
N LEU A 548 2.01 1.37 -16.87
CA LEU A 548 0.77 1.82 -16.16
C LEU A 548 -0.37 0.84 -16.33
N PRO A 549 -0.68 0.23 -17.49
CA PRO A 549 -1.76 -0.74 -17.52
C PRO A 549 -1.53 -1.93 -16.58
N TYR A 550 -0.29 -2.36 -16.33
CA TYR A 550 0.01 -3.48 -15.38
C TYR A 550 -0.24 -3.00 -13.94
N ILE A 551 0.34 -1.85 -13.59
CA ILE A 551 0.35 -1.32 -12.20
C ILE A 551 -1.10 -0.92 -11.84
N TYR A 552 -1.79 -0.22 -12.75
CA TYR A 552 -3.14 0.31 -12.49
C TYR A 552 -4.11 -0.83 -12.32
N THR A 553 -3.88 -1.96 -13.01
CA THR A 553 -4.71 -3.18 -12.84
C THR A 553 -4.46 -3.79 -11.45
N ALA A 554 -3.22 -3.83 -10.98
CA ALA A 554 -2.88 -4.29 -9.60
C ALA A 554 -3.54 -3.34 -8.58
N ALA A 555 -3.60 -2.04 -8.88
CA ALA A 555 -4.30 -1.03 -8.05
C ALA A 555 -5.80 -1.37 -7.97
N TYR A 556 -6.41 -1.63 -9.12
CA TYR A 556 -7.81 -2.05 -9.24
C TYR A 556 -8.03 -3.30 -8.37
N GLN A 557 -7.17 -4.32 -8.47
CA GLN A 557 -7.34 -5.57 -7.67
C GLN A 557 -7.21 -5.24 -6.18
N ASN A 558 -6.33 -4.32 -5.82
CA ASN A 558 -6.18 -3.84 -4.41
C ASN A 558 -7.50 -3.21 -3.93
N THR A 559 -8.10 -2.30 -4.72
CA THR A 559 -9.40 -1.69 -4.37
C THR A 559 -10.47 -2.78 -4.24
N LEU A 560 -10.44 -3.80 -5.08
CA LEU A 560 -11.52 -4.83 -5.11
C LEU A 560 -11.41 -5.78 -3.91
N THR A 561 -10.22 -6.29 -3.60
CA THR A 561 -10.01 -7.47 -2.71
C THR A 561 -8.97 -7.24 -1.60
N GLY A 562 -8.34 -6.08 -1.55
CA GLY A 562 -7.21 -5.76 -0.67
C GLY A 562 -5.92 -6.40 -1.11
N MET A 563 -5.92 -7.18 -2.20
CA MET A 563 -4.70 -7.83 -2.71
C MET A 563 -3.63 -6.74 -2.84
N PRO A 564 -2.51 -6.84 -2.11
CA PRO A 564 -1.50 -5.79 -2.15
C PRO A 564 -0.74 -5.83 -3.48
N LEU A 565 -0.14 -4.71 -3.84
CA LEU A 565 0.60 -4.60 -5.13
C LEU A 565 1.87 -5.42 -4.99
N MET A 566 2.58 -5.28 -3.86
CA MET A 566 3.73 -6.15 -3.48
C MET A 566 3.18 -7.35 -2.69
N ARG A 567 3.49 -8.56 -3.15
CA ARG A 567 3.07 -9.83 -2.47
C ARG A 567 4.35 -10.55 -2.03
N PRO A 568 4.35 -11.17 -0.83
CA PRO A 568 5.54 -11.91 -0.39
C PRO A 568 5.74 -13.24 -1.11
N LEU A 569 6.99 -13.68 -1.20
CA LEU A 569 7.39 -14.98 -1.81
C LEU A 569 6.49 -16.07 -1.24
N PHE A 570 6.05 -15.99 0.02
CA PHE A 570 5.35 -17.13 0.66
C PHE A 570 3.96 -17.34 0.06
N PHE A 571 3.42 -16.36 -0.67
CA PHE A 571 2.12 -16.53 -1.39
C PHE A 571 2.22 -17.67 -2.41
N SER A 572 3.41 -17.92 -2.97
CA SER A 572 3.70 -18.92 -4.03
C SER A 572 3.54 -20.36 -3.51
N ASP A 573 3.57 -20.58 -2.20
CA ASP A 573 3.41 -21.95 -1.61
C ASP A 573 3.01 -21.79 -0.13
N GLU A 574 1.71 -21.89 0.13
CA GLU A 574 1.07 -21.60 1.42
C GLU A 574 1.30 -22.74 2.41
N LYS A 575 1.78 -23.89 1.94
CA LYS A 575 2.07 -25.09 2.75
C LYS A 575 3.58 -25.18 2.99
N ASN A 576 4.36 -24.15 2.64
CA ASN A 576 5.80 -24.08 2.96
C ASN A 576 6.05 -22.83 3.81
N PRO A 577 5.86 -22.91 5.15
CA PRO A 577 6.02 -21.73 6.02
C PRO A 577 7.46 -21.17 6.09
N ALA A 578 8.48 -21.98 5.81
CA ALA A 578 9.88 -21.49 5.72
C ALA A 578 9.99 -20.29 4.75
N LEU A 579 9.08 -20.16 3.77
CA LEU A 579 9.12 -19.04 2.78
C LEU A 579 8.77 -17.70 3.43
N ILE A 580 7.96 -17.71 4.51
CA ILE A 580 7.58 -16.53 5.31
C ILE A 580 8.80 -15.66 5.67
N ASP A 581 9.96 -16.24 5.96
CA ASP A 581 11.16 -15.47 6.40
C ASP A 581 11.74 -14.64 5.25
N ASN A 582 11.39 -14.94 3.99
CA ASN A 582 12.01 -14.28 2.82
C ASN A 582 11.58 -12.80 2.76
N LYS A 583 12.57 -11.90 2.67
CA LYS A 583 12.37 -10.43 2.52
C LYS A 583 13.34 -9.85 1.49
N THR A 584 13.81 -10.67 0.54
CA THR A 584 14.81 -10.26 -0.49
C THR A 584 14.18 -10.39 -1.89
N SER A 585 13.08 -11.14 -2.01
CA SER A 585 12.36 -11.44 -3.28
C SER A 585 10.87 -11.24 -3.01
N TYR A 586 10.15 -10.58 -3.92
CA TYR A 586 8.69 -10.34 -3.81
C TYR A 586 8.06 -10.28 -5.23
N PHE A 587 6.75 -10.49 -5.28
CA PHE A 587 5.87 -10.33 -6.47
C PHE A 587 5.41 -8.87 -6.57
N TRP A 588 5.68 -8.24 -7.72
CA TRP A 588 5.06 -6.98 -8.19
C TRP A 588 3.90 -7.37 -9.13
N GLY A 589 2.69 -7.30 -8.61
CA GLY A 589 1.49 -7.87 -9.25
C GLY A 589 1.59 -9.38 -9.33
N ASP A 590 0.81 -9.99 -10.22
CA ASP A 590 0.72 -11.47 -10.35
C ASP A 590 2.01 -12.05 -10.94
N SER A 591 2.65 -11.36 -11.88
CA SER A 591 3.62 -12.04 -12.77
C SER A 591 5.11 -11.78 -12.62
N LEU A 592 5.50 -10.73 -11.90
CA LEU A 592 6.92 -10.38 -11.81
C LEU A 592 7.45 -10.75 -10.42
N LEU A 593 8.51 -11.56 -10.39
CA LEU A 593 9.34 -11.84 -9.17
C LEU A 593 10.60 -10.97 -9.24
N VAL A 594 10.65 -9.95 -8.38
CA VAL A 594 11.69 -8.91 -8.33
C VAL A 594 12.62 -9.23 -7.15
N THR A 595 13.91 -9.10 -7.37
CA THR A 595 14.93 -9.35 -6.30
C THR A 595 15.82 -8.12 -6.27
N PRO A 596 15.52 -7.10 -5.45
CA PRO A 596 16.36 -5.90 -5.44
C PRO A 596 17.79 -6.23 -5.02
N ILE A 597 18.74 -5.47 -5.56
CA ILE A 597 20.16 -5.51 -5.17
C ILE A 597 20.29 -4.48 -4.04
N THR A 598 20.66 -4.96 -2.86
CA THR A 598 20.67 -4.16 -1.61
C THR A 598 22.08 -4.19 -0.99
N GLN A 599 23.12 -4.52 -1.76
CA GLN A 599 24.55 -4.30 -1.36
C GLN A 599 25.33 -3.93 -2.59
N ALA A 600 26.46 -3.25 -2.40
CA ALA A 600 27.37 -2.78 -3.47
C ALA A 600 28.16 -3.96 -4.04
N GLY A 601 28.46 -3.89 -5.35
CA GLY A 601 29.31 -4.83 -6.12
C GLY A 601 28.75 -6.24 -6.25
N VAL A 602 27.49 -6.48 -5.90
CA VAL A 602 26.86 -7.82 -6.09
C VAL A 602 26.93 -8.16 -7.60
N GLU A 603 27.59 -9.26 -7.96
CA GLU A 603 27.91 -9.66 -9.37
C GLU A 603 26.91 -10.71 -9.88
N SER A 604 26.14 -11.35 -8.99
CA SER A 604 25.17 -12.40 -9.32
C SER A 604 24.25 -12.60 -8.11
N VAL A 605 23.06 -13.21 -8.27
CA VAL A 605 22.11 -13.45 -7.14
C VAL A 605 21.52 -14.85 -7.29
N SER A 606 21.11 -15.43 -6.18
CA SER A 606 20.39 -16.73 -6.13
C SER A 606 18.93 -16.44 -5.80
N ILE A 607 18.02 -16.70 -6.75
CA ILE A 607 16.60 -16.28 -6.67
C ILE A 607 15.77 -17.50 -6.37
N PRO A 608 15.10 -17.57 -5.21
CA PRO A 608 14.35 -18.76 -4.84
C PRO A 608 13.02 -18.85 -5.59
N ALA A 609 13.11 -18.96 -6.91
CA ALA A 609 11.94 -18.87 -7.81
C ALA A 609 11.05 -20.07 -7.51
N PRO A 610 9.74 -19.91 -7.30
CA PRO A 610 8.87 -21.07 -7.19
C PRO A 610 9.07 -22.00 -8.40
N LYS A 611 8.81 -23.29 -8.18
CA LYS A 611 8.96 -24.35 -9.20
C LYS A 611 8.12 -23.93 -10.42
N GLY A 612 8.67 -24.05 -11.63
CA GLY A 612 7.96 -23.78 -12.88
C GLY A 612 8.85 -23.03 -13.84
N VAL A 613 8.27 -22.32 -14.81
CA VAL A 613 9.06 -21.67 -15.88
C VAL A 613 9.04 -20.16 -15.65
N TRP A 614 10.17 -19.53 -15.90
CA TRP A 614 10.42 -18.12 -15.56
C TRP A 614 11.25 -17.59 -16.72
N PHE A 615 11.07 -16.32 -17.07
CA PHE A 615 11.84 -15.65 -18.14
C PHE A 615 12.53 -14.46 -17.52
N ASP A 616 13.75 -14.16 -17.96
CA ASP A 616 14.43 -12.89 -17.64
C ASP A 616 13.62 -11.75 -18.30
N PHE A 617 13.06 -10.87 -17.48
CA PHE A 617 12.30 -9.70 -17.92
C PHE A 617 13.12 -8.86 -18.92
N TRP A 618 14.42 -8.75 -18.74
CA TRP A 618 15.28 -7.83 -19.54
C TRP A 618 15.80 -8.51 -20.80
N LYS A 619 16.02 -9.83 -20.77
CA LYS A 619 16.84 -10.55 -21.80
C LYS A 619 16.03 -11.64 -22.49
N ASP A 620 14.81 -11.97 -22.02
CA ASP A 620 13.90 -12.95 -22.63
C ASP A 620 14.38 -14.39 -22.36
N THR A 621 15.52 -14.59 -21.69
CA THR A 621 16.08 -15.95 -21.42
C THR A 621 15.07 -16.78 -20.63
N ARG A 622 14.85 -18.04 -21.04
CA ARG A 622 13.89 -18.98 -20.40
C ARG A 622 14.67 -19.84 -19.38
N TYR A 623 14.08 -20.04 -18.20
CA TYR A 623 14.61 -20.80 -17.06
C TYR A 623 13.48 -21.71 -16.65
N GLN A 624 13.75 -22.99 -16.39
CA GLN A 624 12.81 -23.91 -15.72
C GLN A 624 13.49 -24.32 -14.41
N THR A 625 12.73 -24.61 -13.35
CA THR A 625 13.28 -25.18 -12.09
C THR A 625 12.22 -26.04 -11.44
N ASP A 626 12.65 -27.14 -10.77
CA ASP A 626 11.78 -28.08 -10.00
C ASP A 626 11.85 -27.77 -8.50
N GLY A 627 12.62 -26.75 -8.10
CA GLY A 627 12.73 -26.28 -6.69
C GLY A 627 14.04 -25.53 -6.50
N ALA A 628 15.10 -26.04 -7.08
CA ALA A 628 16.46 -25.44 -7.09
C ALA A 628 16.36 -23.94 -7.41
N PRO A 629 17.04 -23.05 -6.66
CA PRO A 629 17.09 -21.63 -7.03
C PRO A 629 17.75 -21.40 -8.39
N LEU A 630 17.57 -20.20 -8.94
CA LEU A 630 18.14 -19.78 -10.24
C LEU A 630 19.23 -18.77 -9.95
N THR A 631 20.35 -18.85 -10.63
CA THR A 631 21.43 -17.88 -10.44
C THR A 631 21.40 -16.93 -11.62
N LEU A 632 21.20 -15.64 -11.40
CA LEU A 632 21.28 -14.69 -12.53
C LEU A 632 22.44 -13.76 -12.29
N PRO A 633 23.20 -13.39 -13.34
CA PRO A 633 24.19 -12.34 -13.25
C PRO A 633 23.45 -11.00 -13.09
N THR A 634 24.15 -9.99 -12.59
CA THR A 634 23.62 -8.63 -12.31
C THR A 634 24.41 -7.69 -13.18
N ASP A 635 23.83 -6.54 -13.48
CA ASP A 635 24.50 -5.45 -14.23
C ASP A 635 24.11 -4.16 -13.51
N LEU A 636 24.75 -3.05 -13.80
CA LEU A 636 24.39 -1.76 -13.17
C LEU A 636 23.07 -1.22 -13.76
N HIS A 637 22.67 -1.63 -14.98
N HIS A 637 22.70 -1.67 -14.97
CA HIS A 637 21.53 -0.96 -15.71
CA HIS A 637 21.61 -1.11 -15.81
C HIS A 637 20.19 -1.54 -15.28
C HIS A 637 20.23 -1.55 -15.28
N THR A 638 20.16 -2.70 -14.62
CA THR A 638 18.89 -3.33 -14.19
C THR A 638 19.02 -3.97 -12.81
N ILE A 639 17.93 -4.54 -12.31
CA ILE A 639 17.88 -5.44 -11.13
C ILE A 639 17.14 -6.68 -11.57
N PRO A 640 17.49 -7.84 -11.00
CA PRO A 640 16.87 -9.10 -11.40
C PRO A 640 15.35 -9.17 -11.25
N VAL A 641 14.67 -9.39 -12.39
CA VAL A 641 13.20 -9.53 -12.54
C VAL A 641 12.92 -10.74 -13.43
N LEU A 642 12.13 -11.66 -12.93
CA LEU A 642 11.70 -12.86 -13.68
C LEU A 642 10.20 -12.72 -13.96
N VAL A 643 9.79 -13.13 -15.16
CA VAL A 643 8.36 -13.15 -15.55
C VAL A 643 7.92 -14.59 -15.48
N LYS A 644 6.78 -14.81 -14.87
CA LYS A 644 6.12 -16.11 -14.75
C LYS A 644 5.59 -16.54 -16.14
N ALA A 645 5.87 -17.76 -16.58
CA ALA A 645 5.20 -18.35 -17.75
C ALA A 645 3.70 -18.16 -17.59
N GLY A 646 3.04 -17.70 -18.66
CA GLY A 646 1.58 -17.53 -18.74
C GLY A 646 1.16 -16.09 -18.44
N ALA A 647 2.11 -15.24 -18.12
CA ALA A 647 1.91 -13.82 -17.86
C ALA A 647 1.49 -13.12 -19.17
N PHE A 648 0.59 -12.16 -19.05
CA PHE A 648 0.29 -11.11 -20.05
C PHE A 648 0.79 -9.79 -19.48
N MET A 649 1.83 -9.21 -20.06
CA MET A 649 2.45 -7.94 -19.66
C MET A 649 2.04 -6.86 -20.65
N PRO A 650 1.15 -5.94 -20.23
CA PRO A 650 0.61 -4.90 -21.11
C PRO A 650 1.41 -3.61 -21.01
N TYR A 651 1.65 -2.96 -22.15
CA TYR A 651 2.32 -1.65 -22.23
C TYR A 651 1.52 -0.71 -23.13
N VAL A 652 1.64 0.57 -22.82
CA VAL A 652 1.17 1.69 -23.67
C VAL A 652 2.41 2.50 -23.95
N PRO A 653 2.36 3.35 -24.98
CA PRO A 653 3.47 4.26 -25.21
C PRO A 653 3.74 5.14 -23.97
N ALA A 654 5.01 5.52 -23.77
CA ALA A 654 5.45 6.36 -22.65
C ALA A 654 4.88 7.75 -22.86
N VAL A 655 4.38 8.38 -21.81
CA VAL A 655 3.96 9.81 -21.83
C VAL A 655 4.75 10.51 -20.74
N SER A 656 4.84 11.82 -20.82
CA SER A 656 5.52 12.67 -19.83
C SER A 656 4.70 12.78 -18.54
N THR A 657 3.38 12.70 -18.66
CA THR A 657 2.41 12.91 -17.56
C THR A 657 1.21 12.00 -17.83
N THR A 658 0.67 11.41 -16.77
CA THR A 658 -0.56 10.60 -16.88
C THR A 658 -1.75 11.44 -17.38
N GLU A 659 -1.70 12.77 -17.35
CA GLU A 659 -2.77 13.61 -17.92
C GLU A 659 -2.91 13.31 -19.43
N ASP A 660 -1.82 12.84 -20.06
CA ASP A 660 -1.74 12.53 -21.52
C ASP A 660 -1.93 11.05 -21.78
N TYR A 661 -2.22 10.26 -20.76
CA TYR A 661 -2.32 8.80 -20.88
C TYR A 661 -3.32 8.42 -21.99
N ARG A 662 -2.95 7.53 -22.90
CA ARG A 662 -3.90 6.90 -23.86
C ARG A 662 -3.53 5.42 -24.02
N SER A 663 -4.52 4.58 -24.22
CA SER A 663 -4.36 3.16 -24.58
C SER A 663 -4.88 2.90 -26.00
N ASP A 664 -4.90 3.93 -26.84
CA ASP A 664 -5.18 3.77 -28.30
C ASP A 664 -4.28 2.67 -28.91
N SER A 665 -3.02 2.67 -28.51
CA SER A 665 -1.97 1.70 -28.87
C SER A 665 -1.63 0.84 -27.66
N LEU A 666 -1.91 -0.46 -27.73
CA LEU A 666 -1.51 -1.46 -26.72
C LEU A 666 -0.38 -2.34 -27.28
N GLU A 667 0.56 -2.74 -26.42
CA GLU A 667 1.55 -3.79 -26.73
C GLU A 667 1.50 -4.78 -25.56
N ILE A 668 1.17 -6.02 -25.86
CA ILE A 668 0.96 -7.06 -24.82
C ILE A 668 1.94 -8.19 -25.12
N HIS A 669 2.73 -8.57 -24.13
CA HIS A 669 3.75 -9.64 -24.24
C HIS A 669 3.25 -10.82 -23.45
N TYR A 670 3.00 -11.93 -24.13
CA TYR A 670 2.52 -13.19 -23.53
C TYR A 670 3.69 -14.17 -23.47
N TYR A 671 3.93 -14.74 -22.30
CA TYR A 671 5.10 -15.62 -22.02
C TYR A 671 4.65 -17.07 -22.12
N ALA A 672 4.75 -17.66 -23.31
CA ALA A 672 4.14 -18.97 -23.62
C ALA A 672 5.04 -20.08 -23.08
N ASP A 673 4.42 -21.09 -22.50
CA ASP A 673 5.12 -22.36 -22.19
C ASP A 673 4.08 -23.48 -22.06
N ALA A 674 4.34 -24.64 -22.66
CA ALA A 674 3.39 -25.79 -22.65
C ALA A 674 3.05 -26.19 -21.21
N SER A 675 3.90 -25.82 -20.24
CA SER A 675 3.69 -26.13 -18.80
C SER A 675 2.49 -25.35 -18.27
N VAL A 676 2.04 -24.30 -18.97
CA VAL A 676 0.86 -23.49 -18.53
C VAL A 676 -0.21 -23.61 -19.61
N PRO A 677 -1.09 -24.63 -19.51
CA PRO A 677 -2.10 -24.90 -20.53
C PRO A 677 -3.26 -23.89 -20.56
N LEU A 678 -3.40 -23.11 -19.49
CA LEU A 678 -4.47 -22.10 -19.29
C LEU A 678 -3.86 -20.89 -18.58
N ALA A 679 -4.09 -19.68 -19.08
CA ALA A 679 -3.60 -18.44 -18.47
C ALA A 679 -4.59 -17.31 -18.73
N GLN A 680 -4.71 -16.39 -17.77
CA GLN A 680 -5.71 -15.29 -17.86
C GLN A 680 -4.94 -14.02 -17.51
N GLY A 681 -5.32 -12.94 -18.16
CA GLY A 681 -4.82 -11.60 -17.84
C GLY A 681 -5.99 -10.64 -17.85
N GLU A 682 -5.80 -9.46 -17.28
CA GLU A 682 -6.85 -8.42 -17.34
C GLU A 682 -6.13 -7.09 -17.35
N ILE A 683 -6.75 -6.14 -18.02
CA ILE A 683 -6.34 -4.72 -18.06
C ILE A 683 -7.57 -3.89 -17.71
N PHE A 684 -7.49 -3.18 -16.59
CA PHE A 684 -8.55 -2.28 -16.08
C PHE A 684 -8.28 -0.87 -16.61
N GLU A 685 -9.22 -0.34 -17.39
CA GLU A 685 -9.11 1.02 -17.93
C GLU A 685 -10.32 1.82 -17.45
N ASP A 686 -10.07 3.04 -16.99
CA ASP A 686 -11.17 4.01 -16.73
C ASP A 686 -10.63 5.40 -17.03
N ASP A 687 -11.28 6.47 -16.60
CA ASP A 687 -10.79 7.83 -16.96
C ASP A 687 -9.62 8.23 -16.05
N GLY A 688 -9.20 7.36 -15.13
CA GLY A 688 -8.06 7.61 -14.24
C GLY A 688 -8.35 8.63 -13.14
N LYS A 689 -9.59 9.13 -13.01
CA LYS A 689 -9.88 10.22 -12.04
C LYS A 689 -11.21 10.10 -11.29
N ASP A 690 -12.19 9.39 -11.81
CA ASP A 690 -13.56 9.33 -11.24
C ASP A 690 -13.59 8.42 -10.02
N PRO A 691 -13.91 8.91 -8.79
CA PRO A 691 -13.88 8.05 -7.62
C PRO A 691 -15.01 7.02 -7.65
N ASN A 692 -16.04 7.22 -8.48
CA ASN A 692 -17.22 6.31 -8.61
C ASN A 692 -17.10 5.35 -9.81
N SER A 693 -15.96 5.27 -10.50
CA SER A 693 -15.83 4.49 -11.77
C SER A 693 -16.17 3.01 -11.51
N ILE A 694 -15.67 2.40 -10.43
CA ILE A 694 -15.86 0.95 -10.18
C ILE A 694 -17.31 0.68 -9.78
N LYS A 695 -17.83 1.42 -8.80
CA LYS A 695 -19.21 1.29 -8.27
C LYS A 695 -20.24 1.48 -9.40
N ARG A 696 -20.07 2.46 -10.28
CA ARG A 696 -21.01 2.76 -11.39
C ARG A 696 -20.66 2.00 -12.69
N ASN A 697 -19.69 1.09 -12.65
CA ASN A 697 -19.19 0.30 -13.81
C ASN A 697 -18.77 1.18 -15.01
N GLN A 698 -18.24 2.36 -14.76
CA GLN A 698 -17.77 3.32 -15.81
C GLN A 698 -16.31 2.98 -16.12
N PHE A 699 -16.11 1.77 -16.62
CA PHE A 699 -14.78 1.24 -16.95
C PHE A 699 -14.86 0.27 -18.12
N ASP A 700 -13.67 0.03 -18.64
CA ASP A 700 -13.37 -0.90 -19.76
C ASP A 700 -12.43 -1.95 -19.20
N LEU A 701 -12.94 -3.14 -18.95
CA LEU A 701 -12.16 -4.26 -18.38
C LEU A 701 -11.86 -5.24 -19.50
N LEU A 702 -10.60 -5.24 -19.96
CA LEU A 702 -10.08 -6.10 -21.05
C LEU A 702 -9.65 -7.40 -20.39
N THR A 703 -10.11 -8.53 -20.89
CA THR A 703 -9.65 -9.87 -20.45
C THR A 703 -9.00 -10.59 -21.61
N LEU A 704 -7.96 -11.34 -21.28
CA LEU A 704 -7.21 -12.19 -22.23
C LEU A 704 -7.14 -13.57 -21.63
N GLN A 705 -7.52 -14.59 -22.39
CA GLN A 705 -7.33 -16.00 -21.99
C GLN A 705 -6.52 -16.72 -23.07
N ALA A 706 -5.42 -17.35 -22.67
CA ALA A 706 -4.60 -18.25 -23.51
C ALA A 706 -4.92 -19.71 -23.19
N THR A 707 -5.12 -20.53 -24.22
CA THR A 707 -5.27 -22.01 -24.14
C THR A 707 -4.12 -22.63 -24.96
N HIS A 708 -3.21 -23.32 -24.28
CA HIS A 708 -1.94 -23.78 -24.88
C HIS A 708 -1.96 -25.31 -24.84
N THR A 709 -2.19 -25.96 -25.99
CA THR A 709 -2.16 -27.43 -26.15
C THR A 709 -0.96 -27.80 -27.02
N ASP A 710 -0.82 -29.09 -27.35
CA ASP A 710 0.35 -29.63 -28.07
C ASP A 710 0.38 -29.02 -29.47
N ASN A 711 -0.78 -28.82 -30.11
CA ASN A 711 -0.82 -28.36 -31.52
C ASN A 711 -1.44 -26.97 -31.71
N GLN A 712 -1.94 -26.33 -30.66
CA GLN A 712 -2.64 -25.03 -30.82
C GLN A 712 -2.29 -24.06 -29.69
N LEU A 713 -2.35 -22.77 -29.99
CA LEU A 713 -2.35 -21.68 -28.98
C LEU A 713 -3.46 -20.72 -29.35
N HIS A 714 -4.49 -20.64 -28.51
CA HIS A 714 -5.78 -19.94 -28.74
C HIS A 714 -5.85 -18.78 -27.72
N PHE A 715 -5.99 -17.55 -28.19
CA PHE A 715 -6.29 -16.37 -27.33
C PHE A 715 -7.73 -15.92 -27.51
N GLN A 716 -8.44 -15.77 -26.40
CA GLN A 716 -9.79 -15.15 -26.33
C GLN A 716 -9.70 -13.77 -25.67
N LEU A 717 -10.05 -12.73 -26.41
CA LEU A 717 -10.06 -11.33 -25.95
C LEU A 717 -11.50 -10.83 -25.86
N ALA A 718 -11.79 -10.07 -24.80
CA ALA A 718 -13.14 -9.57 -24.47
C ALA A 718 -13.02 -8.27 -23.66
N ARG A 719 -14.06 -7.45 -23.70
CA ARG A 719 -14.17 -6.21 -22.89
C ARG A 719 -15.52 -6.25 -22.19
N THR A 720 -15.55 -5.93 -20.89
CA THR A 720 -16.80 -5.68 -20.14
C THR A 720 -16.76 -4.28 -19.52
N GLY A 721 -17.88 -3.87 -18.93
CA GLY A 721 -18.08 -2.55 -18.30
C GLY A 721 -18.80 -1.63 -19.25
N LYS A 722 -19.29 -0.51 -18.76
CA LYS A 722 -20.14 0.40 -19.57
C LYS A 722 -19.26 1.40 -20.32
N GLY A 723 -17.96 1.33 -20.13
CA GLY A 723 -17.04 2.29 -20.73
C GLY A 723 -17.09 3.59 -20.00
N TYR A 724 -16.49 4.62 -20.59
CA TYR A 724 -16.19 5.91 -19.94
C TYR A 724 -15.93 6.86 -21.08
N ARG A 725 -16.04 8.16 -20.83
CA ARG A 725 -15.85 9.23 -21.83
C ARG A 725 -14.38 9.24 -22.28
N GLY A 726 -14.13 9.27 -23.58
CA GLY A 726 -12.76 9.20 -24.14
C GLY A 726 -12.23 7.77 -24.30
N MET A 727 -12.96 6.76 -23.87
CA MET A 727 -12.54 5.35 -24.04
C MET A 727 -12.37 5.08 -25.53
N PRO A 728 -11.22 4.56 -26.03
CA PRO A 728 -11.12 4.19 -27.43
C PRO A 728 -12.06 3.03 -27.78
N GLU A 729 -12.80 3.16 -28.87
CA GLU A 729 -13.64 2.04 -29.39
C GLU A 729 -12.70 0.93 -29.87
N ARG A 730 -11.61 1.28 -30.55
CA ARG A 730 -10.73 0.31 -31.22
C ARG A 730 -9.27 0.59 -30.80
N ARG A 731 -8.61 -0.41 -30.23
CA ARG A 731 -7.19 -0.31 -29.85
C ARG A 731 -6.31 -1.06 -30.87
N ALA A 732 -5.35 -0.36 -31.45
CA ALA A 732 -4.24 -0.97 -32.23
C ALA A 732 -3.41 -1.81 -31.25
N THR A 733 -3.44 -3.12 -31.42
CA THR A 733 -2.84 -4.10 -30.49
C THR A 733 -1.69 -4.83 -31.19
N THR A 734 -0.49 -4.77 -30.61
CA THR A 734 0.62 -5.67 -30.96
C THR A 734 0.74 -6.74 -29.87
N LEU A 735 0.48 -8.01 -30.18
CA LEU A 735 0.63 -9.13 -29.22
C LEU A 735 1.94 -9.87 -29.51
N VAL A 736 2.91 -9.86 -28.58
CA VAL A 736 4.25 -10.49 -28.79
C VAL A 736 4.29 -11.77 -27.98
N ILE A 737 4.39 -12.91 -28.64
CA ILE A 737 4.37 -14.22 -27.95
C ILE A 737 5.81 -14.70 -27.81
N HIS A 738 6.28 -14.69 -26.56
CA HIS A 738 7.63 -15.12 -26.14
C HIS A 738 7.61 -16.65 -26.05
N ASN A 739 8.75 -17.22 -26.41
CA ASN A 739 8.98 -18.68 -26.41
C ASN A 739 7.95 -19.36 -27.31
N ALA A 740 7.51 -18.69 -28.39
CA ALA A 740 6.51 -19.26 -29.33
C ALA A 740 7.12 -20.42 -30.11
N SER A 741 6.34 -21.49 -30.29
CA SER A 741 6.71 -22.66 -31.13
C SER A 741 7.09 -22.16 -32.53
N ASP A 742 8.09 -22.79 -33.13
CA ASP A 742 8.47 -22.50 -34.54
C ASP A 742 7.63 -23.33 -35.53
N GLN A 743 6.66 -24.13 -35.05
N GLN A 743 6.65 -24.10 -35.03
CA GLN A 743 5.85 -25.05 -35.90
CA GLN A 743 5.84 -25.05 -35.83
C GLN A 743 4.43 -24.49 -36.14
C GLN A 743 4.48 -24.44 -36.24
N TYR A 744 4.12 -23.24 -35.78
CA TYR A 744 2.80 -22.62 -36.13
C TYR A 744 2.87 -22.18 -37.59
N GLN A 745 1.97 -22.69 -38.41
CA GLN A 745 1.77 -22.32 -39.84
C GLN A 745 0.73 -21.18 -39.99
N HIS A 746 -0.39 -21.30 -39.28
CA HIS A 746 -1.65 -20.59 -39.58
C HIS A 746 -2.16 -19.93 -38.31
N LEU A 747 -2.57 -18.66 -38.46
CA LEU A 747 -3.41 -17.86 -37.54
C LEU A 747 -4.83 -17.75 -38.12
N ASP A 748 -5.87 -18.17 -37.38
CA ASP A 748 -7.29 -17.70 -37.55
C ASP A 748 -7.54 -16.51 -36.63
N ILE A 749 -7.99 -15.37 -37.16
CA ILE A 749 -8.62 -14.27 -36.39
C ILE A 749 -10.11 -14.29 -36.67
N ASN A 750 -10.91 -14.75 -35.70
CA ASN A 750 -12.38 -14.87 -35.80
C ASN A 750 -12.73 -15.71 -37.04
N GLY A 751 -12.03 -16.82 -37.27
CA GLY A 751 -12.34 -17.81 -38.32
C GLY A 751 -11.66 -17.52 -39.65
N LYS A 752 -11.20 -16.30 -39.88
CA LYS A 752 -10.40 -15.89 -41.05
C LYS A 752 -8.91 -16.26 -40.91
N THR A 753 -8.44 -17.14 -41.80
CA THR A 753 -7.08 -17.71 -41.81
C THR A 753 -6.11 -16.71 -42.45
N ILE A 754 -4.98 -16.42 -41.78
CA ILE A 754 -3.87 -15.50 -42.18
C ILE A 754 -2.55 -16.31 -42.13
N ALA A 755 -1.66 -16.16 -43.10
CA ALA A 755 -0.37 -16.89 -43.08
C ALA A 755 0.58 -16.19 -42.10
N ILE A 756 1.40 -16.97 -41.40
CA ILE A 756 2.47 -16.43 -40.51
C ILE A 756 3.76 -16.27 -41.34
N ALA A 757 4.21 -15.04 -41.57
CA ALA A 757 5.53 -14.71 -42.16
C ALA A 757 6.66 -15.20 -41.24
N GLN A 758 7.82 -15.53 -41.80
CA GLN A 758 8.97 -16.14 -41.07
C GLN A 758 10.24 -15.36 -41.41
N ALA A 759 10.09 -14.10 -41.82
CA ALA A 759 11.22 -13.25 -42.27
C ALA A 759 10.83 -11.78 -42.08
N ASP A 760 11.83 -10.92 -41.84
CA ASP A 760 11.63 -9.45 -41.98
C ASP A 760 10.48 -8.97 -41.09
N CYS A 761 10.28 -9.58 -39.91
CA CYS A 761 9.15 -9.24 -38.99
C CYS A 761 9.28 -7.79 -38.53
N ALA A 762 10.52 -7.40 -38.19
CA ALA A 762 10.82 -6.05 -37.67
C ALA A 762 10.77 -5.05 -38.83
N SER A 763 10.75 -5.51 -40.08
CA SER A 763 11.00 -4.65 -41.28
C SER A 763 9.82 -4.63 -42.30
N THR A 764 8.69 -5.28 -42.00
CA THR A 764 7.43 -5.20 -42.81
C THR A 764 6.25 -4.90 -41.88
N PRO A 765 5.15 -4.29 -42.41
CA PRO A 765 3.88 -4.12 -41.68
C PRO A 765 3.09 -5.43 -41.58
N ALA A 766 3.85 -6.49 -41.27
CA ALA A 766 3.40 -7.89 -41.07
C ALA A 766 2.26 -7.90 -40.05
N LEU A 767 1.24 -8.71 -40.32
CA LEU A 767 0.10 -8.86 -39.38
C LEU A 767 0.36 -10.09 -38.51
N ALA A 768 1.08 -11.09 -39.01
CA ALA A 768 1.63 -12.18 -38.18
C ALA A 768 3.04 -12.53 -38.68
N CYS A 769 4.05 -12.40 -37.83
CA CYS A 769 5.45 -12.65 -38.20
C CYS A 769 6.21 -13.30 -37.04
N TYR A 770 6.88 -14.41 -37.35
CA TYR A 770 7.74 -15.17 -36.42
C TYR A 770 9.19 -14.77 -36.61
N ASP A 771 9.79 -14.31 -35.53
CA ASP A 771 11.24 -14.03 -35.44
C ASP A 771 11.91 -15.29 -34.89
N GLN A 772 12.58 -16.08 -35.75
CA GLN A 772 13.20 -17.39 -35.38
C GLN A 772 14.38 -17.17 -34.42
N GLU A 773 15.17 -16.12 -34.61
CA GLU A 773 16.33 -15.76 -33.75
C GLU A 773 15.83 -15.48 -32.32
N ARG A 774 14.66 -14.85 -32.11
CA ARG A 774 14.18 -14.45 -30.75
C ARG A 774 13.08 -15.39 -30.24
N ARG A 775 12.60 -16.34 -31.04
CA ARG A 775 11.46 -17.23 -30.66
C ARG A 775 10.24 -16.36 -30.22
N GLN A 776 9.99 -15.27 -30.95
CA GLN A 776 8.87 -14.34 -30.74
C GLN A 776 7.95 -14.35 -31.98
N LEU A 777 6.67 -14.59 -31.73
CA LEU A 777 5.59 -14.52 -32.73
C LEU A 777 4.79 -13.26 -32.48
N GLN A 778 4.85 -12.29 -33.40
CA GLN A 778 4.17 -10.96 -33.29
C GLN A 778 2.86 -10.98 -34.10
N LEU A 779 1.72 -10.72 -33.44
CA LEU A 779 0.38 -10.53 -34.09
C LEU A 779 -0.02 -9.07 -33.95
N VAL A 780 -0.37 -8.40 -35.04
CA VAL A 780 -0.82 -6.96 -35.02
C VAL A 780 -2.26 -6.94 -35.53
N PHE A 781 -3.19 -6.37 -34.76
CA PHE A 781 -4.64 -6.41 -35.05
C PHE A 781 -5.34 -5.23 -34.37
N THR A 782 -6.64 -5.17 -34.60
CA THR A 782 -7.54 -4.14 -34.09
C THR A 782 -8.39 -4.82 -33.03
N TRP A 783 -8.33 -4.32 -31.80
CA TRP A 783 -9.14 -4.83 -30.68
C TRP A 783 -10.29 -3.85 -30.43
N GLY A 784 -11.44 -4.19 -30.97
CA GLY A 784 -12.65 -3.37 -30.80
C GLY A 784 -13.50 -3.92 -29.71
N ARG A 785 -14.78 -3.58 -29.74
CA ARG A 785 -15.69 -3.76 -28.57
C ARG A 785 -16.15 -5.22 -28.54
N GLU A 786 -16.16 -5.87 -29.70
CA GLU A 786 -16.61 -7.29 -29.81
C GLU A 786 -15.48 -8.27 -29.46
N ALA A 787 -15.91 -9.45 -29.01
CA ALA A 787 -15.05 -10.60 -28.71
C ALA A 787 -14.18 -10.90 -29.93
N LEU A 788 -12.93 -11.23 -29.67
CA LEU A 788 -11.90 -11.55 -30.67
C LEU A 788 -11.26 -12.87 -30.25
N ASN A 789 -11.15 -13.81 -31.17
CA ASN A 789 -10.42 -15.07 -30.94
C ASN A 789 -9.27 -15.14 -31.94
N LEU A 790 -8.06 -15.43 -31.46
CA LEU A 790 -6.82 -15.63 -32.25
C LEU A 790 -6.39 -17.08 -32.06
N ARG A 791 -6.30 -17.85 -33.13
CA ARG A 791 -6.02 -19.30 -33.02
C ARG A 791 -4.78 -19.60 -33.85
N LEU A 792 -3.68 -20.00 -33.20
CA LEU A 792 -2.46 -20.46 -33.89
C LEU A 792 -2.51 -21.98 -33.89
N HIS A 793 -2.21 -22.63 -35.01
CA HIS A 793 -2.25 -24.12 -35.18
C HIS A 793 -1.05 -24.58 -36.02
N LYS A 794 -0.54 -25.78 -35.71
CA LYS A 794 0.61 -26.40 -36.41
C LYS A 794 0.11 -27.14 -37.65
C1 EDO B . 9.72 -4.07 -21.44
O1 EDO B . 9.40 -3.49 -22.70
C2 EDO B . 10.78 -5.11 -21.45
O2 EDO B . 11.96 -4.64 -20.82
H11 EDO B . 8.91 -4.49 -21.08
H12 EDO B . 10.02 -3.36 -20.84
HO1 EDO B . 8.78 -2.93 -22.61
H21 EDO B . 10.99 -5.34 -22.37
H22 EDO B . 10.46 -5.90 -20.96
HO2 EDO B . 11.86 -3.85 -20.55
C1 EDO C . 13.75 -0.91 -20.55
O1 EDO C . 12.76 -1.92 -20.72
C2 EDO C . 15.15 -1.44 -20.56
O2 EDO C . 16.08 -0.69 -19.78
H11 EDO C . 13.60 -0.47 -19.68
H12 EDO C . 13.66 -0.25 -21.27
HO1 EDO C . 11.99 -1.57 -20.70
H21 EDO C . 15.48 -1.43 -21.48
H22 EDO C . 15.14 -2.35 -20.21
HO2 EDO C . 15.69 -0.03 -19.41
C1 OXL D . 5.67 -25.81 -28.09
C2 OXL D . 6.94 -26.02 -29.04
O1 OXL D . 4.59 -26.34 -28.36
O2 OXL D . 8.02 -25.71 -28.58
O3 OXL D . 5.84 -25.12 -27.11
O4 OXL D . 6.79 -26.43 -30.19
C1 EDO E . 15.63 14.98 13.36
O1 EDO E . 16.41 15.95 12.70
C2 EDO E . 14.46 15.57 14.03
O2 EDO E . 13.58 14.59 14.54
H11 EDO E . 16.19 14.54 14.03
H12 EDO E . 15.31 14.33 12.69
HO1 EDO E . 17.06 15.58 12.32
H21 EDO E . 13.96 16.13 13.40
H22 EDO E . 14.76 16.12 14.79
HO2 EDO E . 13.89 13.82 14.36
C1 5OV F . 10.05 14.79 8.40
C2 5OV F . 10.16 16.30 8.15
C3 5OV F . 10.78 16.64 6.81
C4 5OV F . 10.67 18.14 6.61
C5 5OV F . 10.24 15.82 5.62
C6 5OV F . 10.33 14.35 5.91
C7 5OV F . 9.52 14.04 7.19
N1 5OV F . 11.41 14.45 8.78
O1 5OV F . 11.84 15.39 11.01
S1 5OV F . 12.04 15.70 9.62
O2 5OV F . 13.33 16.07 9.17
O3 5OV F . 11.04 16.82 9.18
O4 5OV F . 9.31 18.54 6.49
O5 5OV F . 10.97 16.11 4.41
O6 5OV F . 9.79 13.59 4.81
O7 5OV F . 9.55 12.64 7.43
H2 5OV F . 9.45 14.65 9.17
H3 5OV F . 9.27 16.70 8.23
H4 5OV F . 11.75 16.48 6.88
H5 5OV F . 11.16 18.40 5.78
H6 5OV F . 11.10 18.61 7.37
H8 5OV F . 9.29 16.07 5.46
H10 5OV F . 11.27 14.11 6.06
H12 5OV F . 8.59 14.30 7.04
H1 5OV F . 11.68 13.65 8.52
H7 5OV F . 9.27 19.38 6.37
H9 5OV F . 10.65 15.65 3.78
H11 5OV F . 9.84 12.77 4.99
H13 5OV F . 9.10 12.46 8.13
C1 EDO G . -10.77 5.70 28.35
O1 EDO G . -9.51 5.00 28.41
C2 EDO G . -11.53 5.52 27.07
O2 EDO G . -11.50 4.19 26.53
H11 EDO G . -10.62 6.65 28.46
H12 EDO G . -11.35 5.36 29.07
HO1 EDO G . -9.15 5.15 29.15
H21 EDO G . -11.14 6.11 26.40
H22 EDO G . -12.47 5.75 27.22
HO2 EDO G . -11.03 3.69 27.04
S SO4 H . -0.80 34.61 -7.64
O1 SO4 H . -0.80 33.95 -6.35
O2 SO4 H . -2.17 34.89 -8.04
O3 SO4 H . -0.08 35.84 -7.51
O4 SO4 H . -0.20 33.76 -8.61
S SO4 I . -19.30 0.59 21.03
O1 SO4 I . -19.70 -0.45 20.12
O2 SO4 I . -20.12 0.52 22.20
O3 SO4 I . -19.47 1.89 20.43
O4 SO4 I . -17.93 0.39 21.40
S SO4 J . 28.36 14.23 -15.98
O1 SO4 J . 29.06 12.98 -16.15
O2 SO4 J . 26.96 13.96 -15.95
O3 SO4 J . 28.73 14.82 -14.74
O4 SO4 J . 28.66 15.14 -17.06
S SO4 K . -4.53 -30.13 -29.58
O1 SO4 K . -3.99 -30.96 -28.54
O2 SO4 K . -5.89 -29.78 -29.25
O3 SO4 K . -3.72 -28.94 -29.71
O4 SO4 K . -4.49 -30.83 -30.84
S SO4 L . 20.59 26.47 3.98
O1 SO4 L . 19.46 27.38 4.03
O2 SO4 L . 20.24 25.20 4.55
O3 SO4 L . 21.66 27.04 4.75
O4 SO4 L . 21.02 26.30 2.62
S SO4 M . -15.51 27.13 4.68
O1 SO4 M . -14.48 26.20 5.01
O2 SO4 M . -16.80 26.50 4.81
O3 SO4 M . -15.43 28.29 5.56
O4 SO4 M . -15.33 27.57 3.31
S SO4 N . -14.56 31.23 25.83
O1 SO4 N . -14.35 29.96 26.47
O2 SO4 N . -15.77 31.17 25.05
O3 SO4 N . -14.70 32.25 26.86
O4 SO4 N . -13.44 31.53 24.97
S SO4 O . -12.89 -17.64 3.18
O1 SO4 O . -13.88 -16.98 4.00
O2 SO4 O . -13.30 -18.99 2.90
O3 SO4 O . -11.63 -17.69 3.88
O4 SO4 O . -12.73 -16.92 1.94
S SO4 P . -17.48 4.61 -33.06
O1 SO4 P . -17.31 3.18 -33.23
O2 SO4 P . -18.36 4.84 -31.94
O3 SO4 P . -16.21 5.23 -32.81
O4 SO4 P . -18.06 5.16 -34.25
#